data_1QJY
#
_entry.id   1QJY
#
_cell.length_a   362.600
_cell.length_b   347.100
_cell.length_c   334.900
_cell.angle_alpha   90.00
_cell.angle_beta   90.00
_cell.angle_gamma   90.00
#
_symmetry.space_group_name_H-M   'P 2 21 21'
#
loop_
_entity.id
_entity.type
_entity.pdbx_description
1 polymer 'PROTEIN VP1'
2 polymer 'PROTEIN VP2'
3 polymer 'PROTEIN VP3'
4 polymer 'PROTEIN VP4'
5 non-polymer 'ZINC ION'
6 non-polymer 2,6-DIMETHYL-1-(3-[3-METHYL-5-ISOXAZOLYL]-PROPANYL)-4-[2-METHYL-4-ISOXAZOLYL]-PHENOL
7 non-polymer 'MYRISTIC ACID'
8 water water
#
loop_
_entity_poly.entity_id
_entity_poly.type
_entity_poly.pdbx_seq_one_letter_code
_entity_poly.pdbx_strand_id
1 'polypeptide(L)'
;NPVERYVDEVLNEVLVVPNINQSHPTTSNAAPVLDAAETGHTNKIQPEDTIETRYVQSSQTLDEMSVESFLGRSGCIHES
VLDIVDNYNDQSFTKWNINLQEMAQIRRKFEMFTYARFDSEITMVPSVAAKDGHIGHIVMQYMYVPPGAPIPTTRDDYAW
QSGTNASVFWQHGQPFPRFSLPFLSIASAYYMFYDGYDGDTYKSRYGTVVTNDMGTLCSRIVTSEQLHKVKVVTRIYHKA
KHTKAWCPRPPRAVQYSHTHTTNYKLSSEVHNDVAIRPRTNLTTV
;
1
2 'polypeptide(L)'
;SPSVEACGYSDRIIQITRGDSTITSQDVANAVVGYGVWPHYLTPQDATAIDKPTQPDTSSNRFYTLDSKMWNSTSKGWWW
KLPDALKDMGIFGENMFYHFLGRSGYTVHVQCNASKFHQGTLLVVMIPEHQLATVNKGNVNAGYKYTHPGEAGREVGTQV
ENEKQPSDDNWLNFDGTLLGNLLIFPHQFINLRSNNSATLIVPYVNAVPMDSMVRHNNWSLVIIPVCQLQSNNISNIVPI
TVSISPMCAEFSGARAKTVVQ
;
2
3 'polypeptide(L)'
;GLPVYVTPGSGQFMTTDDMQSPCALPWYHPTKEIFIPGEVKNLIEMCQVDTLIPINSTQSNIGNVSMYTVTLSPQTKLAE
EIFAIKVDIASHPLATTLIGEIASYFTHWTGSLRFSFMFCGTANTTLKVLLAYTPPGIGKPRSRKEAMLGTHVVWDVGLQ
STVSLVVPWISASQYRFTTPDTYSSAGYITCWYQTNFVVPPNTPNTAEMLCFVSGCKDFCLRMARDTDLHKQTGPITQ
;
3
4 'polypeptide(L)' GAQVSRQNVGTHSTQNMVSNGSSLNYFNINYFKDAASSGASRLDFSQDPSKFTDPVKDVLEKGIPTLQ 4
#
# COMPACT_ATOMS: atom_id res chain seq x y z
N ASN A 1 -15.55 0.82 -31.10
CA ASN A 1 -15.61 2.08 -31.91
C ASN A 1 -15.04 3.25 -31.10
N PRO A 2 -13.94 3.86 -31.60
CA PRO A 2 -13.27 4.99 -30.92
C PRO A 2 -14.17 6.20 -30.65
N VAL A 3 -15.32 6.24 -31.33
CA VAL A 3 -16.25 7.34 -31.12
C VAL A 3 -17.17 7.00 -29.93
N GLU A 4 -17.57 5.74 -29.84
CA GLU A 4 -18.41 5.31 -28.72
C GLU A 4 -17.54 5.45 -27.46
N ARG A 5 -16.29 5.00 -27.58
CA ARG A 5 -15.33 5.07 -26.49
C ARG A 5 -15.14 6.53 -26.10
N TYR A 6 -15.16 7.40 -27.11
CA TYR A 6 -14.99 8.82 -26.88
C TYR A 6 -16.15 9.35 -26.02
N VAL A 7 -17.37 8.96 -26.38
CA VAL A 7 -18.54 9.39 -25.64
C VAL A 7 -18.44 8.95 -24.17
N ASP A 8 -17.93 7.74 -23.96
CA ASP A 8 -17.77 7.21 -22.62
C ASP A 8 -16.78 8.08 -21.83
N GLU A 9 -15.77 8.60 -22.52
CA GLU A 9 -14.78 9.46 -21.89
C GLU A 9 -15.46 10.76 -21.42
N VAL A 10 -16.22 11.39 -22.32
CA VAL A 10 -16.91 12.63 -22.01
C VAL A 10 -17.91 12.47 -20.86
N LEU A 11 -18.59 11.34 -20.82
CA LEU A 11 -19.59 11.07 -19.79
C LEU A 11 -18.99 10.39 -18.56
N ASN A 12 -17.74 9.94 -18.70
CA ASN A 12 -17.03 9.25 -17.62
C ASN A 12 -17.75 7.97 -17.25
N GLU A 13 -18.02 7.15 -18.27
CA GLU A 13 -18.71 5.88 -18.06
C GLU A 13 -17.95 4.73 -18.69
N VAL A 14 -16.63 4.79 -18.63
CA VAL A 14 -15.78 3.75 -19.19
C VAL A 14 -15.82 2.46 -18.37
N LEU A 15 -15.85 2.59 -17.04
CA LEU A 15 -15.88 1.43 -16.17
C LEU A 15 -17.17 1.44 -15.35
N VAL A 16 -18.12 0.60 -15.74
CA VAL A 16 -19.42 0.52 -15.05
C VAL A 16 -19.44 -0.56 -13.97
N VAL A 17 -20.14 -0.31 -12.87
CA VAL A 17 -20.25 -1.28 -11.78
C VAL A 17 -21.45 -2.17 -12.13
N PRO A 18 -21.40 -3.46 -11.74
CA PRO A 18 -22.48 -4.41 -12.02
C PRO A 18 -23.79 -4.06 -11.34
N ASN A 19 -24.87 -4.65 -11.85
CA ASN A 19 -26.22 -4.46 -11.31
C ASN A 19 -26.43 -5.42 -10.15
N ILE A 20 -27.49 -5.16 -9.39
CA ILE A 20 -27.88 -6.01 -8.29
C ILE A 20 -29.06 -6.77 -8.88
N ASN A 21 -29.02 -8.10 -8.79
CA ASN A 21 -30.10 -8.92 -9.33
C ASN A 21 -31.06 -9.33 -8.21
N GLN A 22 -32.30 -9.61 -8.60
CA GLN A 22 -33.29 -10.02 -7.63
C GLN A 22 -32.93 -11.41 -7.12
N SER A 23 -33.07 -11.63 -5.82
CA SER A 23 -32.78 -12.94 -5.24
C SER A 23 -34.03 -13.44 -4.55
N HIS A 24 -33.97 -14.67 -4.05
CA HIS A 24 -35.12 -15.27 -3.39
C HIS A 24 -34.73 -16.05 -2.15
N PRO A 25 -35.72 -16.51 -1.37
CA PRO A 25 -35.42 -17.27 -0.15
C PRO A 25 -34.72 -18.56 -0.55
N THR A 26 -33.83 -19.04 0.32
CA THR A 26 -33.12 -20.28 0.03
C THR A 26 -32.98 -21.14 1.29
N THR A 27 -32.94 -22.44 1.04
CA THR A 27 -32.78 -23.47 2.05
C THR A 27 -31.86 -24.46 1.36
N SER A 28 -30.56 -24.34 1.64
CA SER A 28 -29.57 -25.19 0.99
C SER A 28 -28.43 -25.61 1.93
N ASN A 29 -27.69 -26.63 1.52
CA ASN A 29 -26.55 -27.12 2.29
C ASN A 29 -25.28 -26.46 1.74
N ALA A 30 -25.49 -25.44 0.89
CA ALA A 30 -24.40 -24.65 0.33
C ALA A 30 -24.51 -23.34 1.08
N ALA A 31 -23.51 -23.06 1.91
CA ALA A 31 -23.49 -21.85 2.72
C ALA A 31 -22.41 -20.86 2.28
N PRO A 32 -22.75 -19.98 1.33
CA PRO A 32 -21.79 -18.99 0.83
C PRO A 32 -21.22 -18.10 1.94
N VAL A 33 -22.05 -17.79 2.95
CA VAL A 33 -21.59 -16.92 4.04
C VAL A 33 -20.46 -17.52 4.87
N LEU A 34 -20.33 -18.85 4.84
CA LEU A 34 -19.27 -19.52 5.60
C LEU A 34 -18.05 -19.75 4.71
N ASP A 35 -16.87 -19.50 5.27
CA ASP A 35 -15.63 -19.66 4.52
C ASP A 35 -14.46 -19.79 5.50
N ALA A 36 -13.24 -19.56 5.00
CA ALA A 36 -12.05 -19.64 5.85
C ALA A 36 -11.05 -18.56 5.47
N ALA A 37 -10.99 -17.49 6.26
CA ALA A 37 -10.07 -16.39 6.00
C ALA A 37 -8.61 -16.85 6.03
N GLU A 38 -8.35 -18.00 6.65
CA GLU A 38 -7.00 -18.55 6.74
C GLU A 38 -6.34 -18.70 5.37
N THR A 39 -7.17 -18.99 4.37
CA THR A 39 -6.69 -19.17 3.00
C THR A 39 -5.99 -17.95 2.43
N GLY A 40 -6.29 -16.78 3.00
CA GLY A 40 -5.70 -15.54 2.52
C GLY A 40 -6.52 -14.92 1.41
N HIS A 41 -7.70 -15.47 1.17
CA HIS A 41 -8.61 -14.97 0.14
C HIS A 41 -9.82 -14.31 0.77
N THR A 42 -10.40 -13.36 0.06
CA THR A 42 -11.59 -12.66 0.56
C THR A 42 -12.81 -13.42 0.05
N ASN A 43 -13.77 -13.67 0.94
CA ASN A 43 -14.99 -14.37 0.56
C ASN A 43 -15.73 -13.46 -0.42
N LYS A 44 -16.00 -13.96 -1.61
CA LYS A 44 -16.67 -13.15 -2.61
C LYS A 44 -18.18 -13.08 -2.53
N ILE A 45 -18.73 -13.24 -1.32
CA ILE A 45 -20.17 -13.19 -1.14
C ILE A 45 -20.70 -11.80 -1.54
N GLN A 46 -21.89 -11.78 -2.14
CA GLN A 46 -22.52 -10.53 -2.56
C GLN A 46 -23.88 -10.39 -1.87
N PRO A 47 -24.47 -9.19 -1.90
CA PRO A 47 -25.77 -9.00 -1.24
C PRO A 47 -26.86 -10.01 -1.62
N GLU A 48 -26.91 -10.43 -2.87
CA GLU A 48 -27.93 -11.39 -3.30
C GLU A 48 -27.86 -12.71 -2.53
N ASP A 49 -26.70 -13.02 -1.98
CA ASP A 49 -26.49 -14.26 -1.24
C ASP A 49 -26.97 -14.26 0.20
N THR A 50 -27.11 -13.10 0.82
CA THR A 50 -27.51 -13.04 2.22
C THR A 50 -28.90 -12.49 2.51
N ILE A 51 -29.49 -11.77 1.56
CA ILE A 51 -30.82 -11.21 1.74
C ILE A 51 -31.59 -11.33 0.44
N GLU A 52 -32.88 -11.02 0.48
CA GLU A 52 -33.68 -11.06 -0.73
C GLU A 52 -33.61 -9.66 -1.34
N THR A 53 -32.85 -9.55 -2.41
CA THR A 53 -32.68 -8.28 -3.08
C THR A 53 -33.65 -8.08 -4.23
N ARG A 54 -33.77 -6.84 -4.66
CA ARG A 54 -34.63 -6.49 -5.77
C ARG A 54 -33.66 -6.27 -6.91
N TYR A 55 -34.17 -6.07 -8.10
CA TYR A 55 -33.32 -5.82 -9.24
C TYR A 55 -33.09 -4.31 -9.27
N VAL A 56 -31.83 -3.90 -9.40
CA VAL A 56 -31.48 -2.49 -9.47
C VAL A 56 -30.44 -2.28 -10.56
N GLN A 57 -30.68 -1.29 -11.42
CA GLN A 57 -29.75 -0.98 -12.50
C GLN A 57 -28.73 0.01 -12.02
N SER A 58 -27.47 -0.41 -12.00
CA SER A 58 -26.39 0.44 -11.54
C SER A 58 -25.94 1.45 -12.60
N SER A 59 -25.65 2.68 -12.17
CA SER A 59 -25.22 3.73 -13.07
C SER A 59 -23.94 4.36 -12.55
N GLN A 60 -23.30 3.70 -11.60
CA GLN A 60 -22.06 4.22 -11.03
C GLN A 60 -20.89 3.78 -11.90
N THR A 61 -19.84 4.58 -11.93
CA THR A 61 -18.66 4.25 -12.71
C THR A 61 -17.42 4.37 -11.84
N LEU A 62 -16.40 3.59 -12.19
CA LEU A 62 -15.14 3.55 -11.46
C LEU A 62 -14.03 4.35 -12.12
N ASP A 63 -14.37 5.13 -13.13
CA ASP A 63 -13.38 5.93 -13.83
C ASP A 63 -12.53 6.78 -12.90
N GLU A 64 -13.18 7.53 -12.03
CA GLU A 64 -12.48 8.42 -11.10
C GLU A 64 -11.58 7.69 -10.10
N MET A 65 -11.80 6.40 -9.93
CA MET A 65 -11.01 5.59 -9.00
C MET A 65 -9.79 4.96 -9.66
N SER A 66 -9.58 5.26 -10.94
CA SER A 66 -8.45 4.70 -11.67
C SER A 66 -7.14 5.26 -11.13
N VAL A 67 -6.05 4.54 -11.34
CA VAL A 67 -4.76 5.01 -10.87
C VAL A 67 -4.41 6.33 -11.56
N GLU A 68 -4.75 6.44 -12.84
CA GLU A 68 -4.47 7.65 -13.61
C GLU A 68 -5.13 8.84 -12.93
N SER A 69 -6.37 8.65 -12.48
CA SER A 69 -7.12 9.72 -11.81
C SER A 69 -6.60 10.02 -10.42
N PHE A 70 -6.30 8.97 -9.66
CA PHE A 70 -5.80 9.12 -8.29
C PHE A 70 -4.50 9.91 -8.22
N LEU A 71 -3.56 9.57 -9.09
CA LEU A 71 -2.26 10.24 -9.10
C LEU A 71 -2.16 11.36 -10.14
N GLY A 72 -3.22 11.54 -10.93
CA GLY A 72 -3.22 12.55 -11.97
C GLY A 72 -3.71 13.92 -11.58
N ARG A 73 -3.34 14.36 -10.39
CA ARG A 73 -3.73 15.68 -9.93
C ARG A 73 -2.47 16.39 -9.49
N SER A 74 -2.31 17.63 -9.93
CA SER A 74 -1.13 18.41 -9.62
C SER A 74 -1.10 18.90 -8.17
N GLY A 75 -0.05 18.51 -7.45
CA GLY A 75 0.11 18.92 -6.07
C GLY A 75 1.47 19.54 -5.87
N CYS A 76 1.63 20.36 -4.83
CA CYS A 76 2.90 21.01 -4.58
C CYS A 76 3.93 20.01 -4.05
N ILE A 77 5.17 20.11 -4.55
CA ILE A 77 6.25 19.24 -4.11
C ILE A 77 7.48 19.99 -3.62
N HIS A 78 7.46 21.32 -3.75
CA HIS A 78 8.59 22.13 -3.32
C HIS A 78 8.25 23.61 -3.36
N GLU A 79 8.80 24.36 -2.41
CA GLU A 79 8.59 25.80 -2.34
C GLU A 79 10.00 26.38 -2.28
N SER A 80 10.43 26.95 -3.40
CA SER A 80 11.75 27.53 -3.53
C SER A 80 11.71 28.99 -3.13
N VAL A 81 12.63 29.39 -2.25
CA VAL A 81 12.67 30.78 -1.79
C VAL A 81 13.97 31.49 -2.14
N LEU A 82 13.84 32.67 -2.72
CA LEU A 82 14.98 33.49 -3.06
C LEU A 82 14.67 34.81 -2.36
N ASP A 83 15.25 34.98 -1.18
CA ASP A 83 15.02 36.18 -0.39
C ASP A 83 16.23 37.09 -0.43
N ILE A 84 16.11 38.23 -1.10
CA ILE A 84 17.21 39.17 -1.18
C ILE A 84 17.20 39.98 0.11
N VAL A 85 18.20 39.74 0.95
CA VAL A 85 18.31 40.43 2.22
C VAL A 85 19.41 41.48 2.20
N ASP A 86 20.66 41.05 2.08
CA ASP A 86 21.77 41.98 2.09
C ASP A 86 22.89 41.69 1.09
N ASN A 87 22.77 40.60 0.34
CA ASN A 87 23.79 40.26 -0.65
C ASN A 87 23.15 39.64 -1.88
N TYR A 88 22.97 40.45 -2.91
CA TYR A 88 22.35 39.98 -4.14
C TYR A 88 23.05 38.81 -4.81
N ASN A 89 24.37 38.89 -4.94
CA ASN A 89 25.11 37.82 -5.59
C ASN A 89 24.92 36.46 -4.95
N ASP A 90 24.85 36.44 -3.62
CA ASP A 90 24.69 35.17 -2.91
C ASP A 90 23.23 34.74 -2.77
N GLN A 91 22.35 35.71 -2.61
CA GLN A 91 20.94 35.40 -2.41
C GLN A 91 20.04 35.34 -3.64
N SER A 92 20.57 35.61 -4.83
CA SER A 92 19.74 35.59 -6.02
C SER A 92 19.66 34.26 -6.77
N PHE A 93 20.26 33.20 -6.22
CA PHE A 93 20.20 31.89 -6.85
C PHE A 93 20.20 30.80 -5.79
N THR A 94 19.71 29.62 -6.15
CA THR A 94 19.64 28.50 -5.22
C THR A 94 19.57 27.19 -5.97
N LYS A 95 19.49 26.08 -5.24
CA LYS A 95 19.42 24.77 -5.86
C LYS A 95 18.63 23.82 -4.96
N TRP A 96 18.04 22.79 -5.57
CA TRP A 96 17.25 21.83 -4.83
C TRP A 96 17.48 20.44 -5.39
N ASN A 97 17.72 19.47 -4.51
CA ASN A 97 17.91 18.10 -4.92
C ASN A 97 16.49 17.57 -5.06
N ILE A 98 16.07 17.37 -6.30
CA ILE A 98 14.72 16.93 -6.60
C ILE A 98 14.26 15.62 -5.97
N ASN A 99 13.00 15.61 -5.52
CA ASN A 99 12.38 14.44 -4.91
C ASN A 99 10.90 14.70 -4.66
N LEU A 100 10.13 13.63 -4.48
CA LEU A 100 8.70 13.72 -4.22
C LEU A 100 8.42 13.30 -2.79
N GLN A 101 9.40 13.48 -1.92
CA GLN A 101 9.29 13.08 -0.53
C GLN A 101 9.06 14.18 0.49
N GLU A 102 9.22 15.43 0.08
CA GLU A 102 9.10 16.56 1.01
C GLU A 102 7.71 17.09 1.38
N MET A 103 6.69 16.72 0.61
CA MET A 103 5.33 17.16 0.89
C MET A 103 4.47 15.93 1.14
N ALA A 104 3.96 15.80 2.35
CA ALA A 104 3.15 14.65 2.74
C ALA A 104 1.96 14.31 1.84
N GLN A 105 1.20 15.30 1.41
CA GLN A 105 0.02 15.02 0.60
C GLN A 105 0.25 14.14 -0.62
N ILE A 106 1.16 14.51 -1.52
CA ILE A 106 1.36 13.65 -2.69
C ILE A 106 2.25 12.45 -2.37
N ARG A 107 3.16 12.60 -1.43
CA ARG A 107 4.05 11.50 -1.06
C ARG A 107 3.22 10.29 -0.60
N ARG A 108 2.25 10.53 0.27
CA ARG A 108 1.44 9.43 0.79
C ARG A 108 0.69 8.67 -0.29
N LYS A 109 0.20 9.38 -1.31
CA LYS A 109 -0.55 8.74 -2.38
C LYS A 109 0.34 7.83 -3.23
N PHE A 110 1.51 8.32 -3.61
CA PHE A 110 2.41 7.50 -4.40
C PHE A 110 2.89 6.30 -3.61
N GLU A 111 3.10 6.48 -2.31
CA GLU A 111 3.59 5.40 -1.47
C GLU A 111 2.57 4.33 -1.14
N MET A 112 1.42 4.37 -1.80
CA MET A 112 0.41 3.34 -1.56
C MET A 112 0.69 2.23 -2.56
N PHE A 113 1.78 2.39 -3.30
CA PHE A 113 2.23 1.42 -4.28
C PHE A 113 3.72 1.17 -4.07
N THR A 114 4.20 0.00 -4.47
CA THR A 114 5.61 -0.32 -4.29
C THR A 114 6.44 0.23 -5.44
N TYR A 115 5.95 0.08 -6.67
CA TYR A 115 6.64 0.58 -7.85
C TYR A 115 5.64 1.37 -8.66
N ALA A 116 6.12 2.41 -9.34
CA ALA A 116 5.26 3.22 -10.17
C ALA A 116 6.05 3.74 -11.36
N ARG A 117 5.39 3.82 -12.51
CA ARG A 117 6.01 4.31 -13.73
C ARG A 117 5.10 5.38 -14.31
N PHE A 118 5.65 6.56 -14.55
CA PHE A 118 4.84 7.64 -15.09
C PHE A 118 5.66 8.77 -15.68
N ASP A 119 5.00 9.61 -16.46
CA ASP A 119 5.63 10.78 -17.04
C ASP A 119 5.22 11.89 -16.12
N SER A 120 5.98 12.96 -16.07
CA SER A 120 5.65 14.04 -15.16
C SER A 120 5.32 15.35 -15.85
N GLU A 121 4.40 16.09 -15.25
CA GLU A 121 4.04 17.41 -15.73
C GLU A 121 4.41 18.32 -14.58
N ILE A 122 5.28 19.29 -14.83
CA ILE A 122 5.67 20.22 -13.81
C ILE A 122 5.10 21.57 -14.18
N THR A 123 4.50 22.24 -13.21
CA THR A 123 3.94 23.57 -13.41
C THR A 123 4.53 24.40 -12.28
N MET A 124 5.01 25.59 -12.58
CA MET A 124 5.61 26.43 -11.56
C MET A 124 4.81 27.70 -11.33
N VAL A 125 4.63 28.04 -10.05
CA VAL A 125 3.89 29.23 -9.67
C VAL A 125 4.80 30.20 -8.91
N PRO A 126 5.42 31.15 -9.62
CA PRO A 126 6.30 32.14 -8.98
C PRO A 126 5.52 33.34 -8.47
N SER A 127 5.86 33.84 -7.28
CA SER A 127 5.21 35.02 -6.74
C SER A 127 6.32 35.91 -6.20
N VAL A 128 6.35 37.14 -6.69
CA VAL A 128 7.35 38.13 -6.31
C VAL A 128 6.79 39.11 -5.27
N ALA A 129 7.32 39.04 -4.06
CA ALA A 129 6.87 39.93 -2.99
C ALA A 129 7.73 41.19 -3.02
N ALA A 130 7.09 42.35 -3.14
CA ALA A 130 7.80 43.62 -3.17
C ALA A 130 8.07 44.05 -1.73
N LYS A 131 9.23 43.66 -1.23
CA LYS A 131 9.62 43.99 0.14
C LYS A 131 9.83 45.48 0.36
N ASP A 132 10.39 46.14 -0.65
CA ASP A 132 10.66 47.58 -0.56
C ASP A 132 9.69 48.44 -1.38
N GLY A 133 8.72 47.83 -2.05
CA GLY A 133 7.78 48.64 -2.80
C GLY A 133 7.60 48.32 -4.28
N HIS A 134 8.68 48.35 -5.06
CA HIS A 134 8.59 48.02 -6.49
C HIS A 134 9.26 46.67 -6.76
N ILE A 135 8.85 46.01 -7.85
CA ILE A 135 9.45 44.73 -8.22
C ILE A 135 10.29 44.82 -9.49
N GLY A 136 10.14 45.92 -10.23
CA GLY A 136 10.90 46.09 -11.45
C GLY A 136 10.53 45.07 -12.51
N HIS A 137 11.54 44.54 -13.20
CA HIS A 137 11.31 43.54 -14.24
C HIS A 137 11.96 42.22 -13.85
N ILE A 138 11.18 41.31 -13.29
CA ILE A 138 11.71 40.03 -12.86
C ILE A 138 11.68 38.96 -13.94
N VAL A 139 12.84 38.38 -14.22
CA VAL A 139 12.99 37.30 -15.19
C VAL A 139 13.70 36.17 -14.45
N MET A 140 13.10 35.00 -14.45
CA MET A 140 13.66 33.85 -13.75
C MET A 140 14.24 32.79 -14.67
N GLN A 141 15.20 32.04 -14.18
CA GLN A 141 15.79 30.94 -14.95
C GLN A 141 15.78 29.70 -14.08
N TYR A 142 15.14 28.65 -14.57
CA TYR A 142 15.09 27.39 -13.85
C TYR A 142 15.85 26.41 -14.74
N MET A 143 16.97 25.91 -14.25
CA MET A 143 17.78 24.98 -15.03
C MET A 143 17.83 23.60 -14.41
N TYR A 144 17.53 22.58 -15.22
CA TYR A 144 17.56 21.21 -14.74
C TYR A 144 18.97 20.69 -14.91
N VAL A 145 19.60 20.31 -13.81
CA VAL A 145 20.96 19.80 -13.85
C VAL A 145 21.00 18.30 -13.53
N PRO A 146 21.09 17.45 -14.57
CA PRO A 146 21.13 16.00 -14.35
C PRO A 146 22.36 15.62 -13.55
N PRO A 147 22.27 14.52 -12.79
CA PRO A 147 23.42 14.10 -12.00
C PRO A 147 24.69 14.00 -12.84
N GLY A 148 25.71 14.75 -12.44
CA GLY A 148 26.96 14.74 -13.17
C GLY A 148 27.27 16.09 -13.80
N ALA A 149 26.26 16.80 -14.24
CA ALA A 149 26.47 18.10 -14.86
C ALA A 149 26.96 19.06 -13.78
N PRO A 150 27.79 20.05 -14.15
CA PRO A 150 28.31 21.03 -13.19
C PRO A 150 27.22 21.90 -12.58
N ILE A 151 27.22 22.00 -11.25
CA ILE A 151 26.26 22.82 -10.53
C ILE A 151 26.84 24.22 -10.35
N PRO A 152 26.10 25.26 -10.74
CA PRO A 152 26.57 26.64 -10.60
C PRO A 152 26.84 27.02 -9.14
N THR A 153 27.97 27.68 -8.89
CA THR A 153 28.33 28.08 -7.54
C THR A 153 28.18 29.59 -7.33
N THR A 154 27.85 30.31 -8.40
CA THR A 154 27.65 31.76 -8.34
C THR A 154 26.55 32.13 -9.32
N ARG A 155 25.94 33.29 -9.15
CA ARG A 155 24.86 33.70 -10.05
C ARG A 155 25.32 33.96 -11.48
N ASP A 156 26.62 34.03 -11.71
CA ASP A 156 27.13 34.27 -13.06
C ASP A 156 27.99 33.11 -13.54
N ASP A 157 27.85 31.98 -12.86
CA ASP A 157 28.60 30.76 -13.20
C ASP A 157 28.38 30.40 -14.67
N TYR A 158 29.42 29.89 -15.33
CA TYR A 158 29.31 29.52 -16.74
C TYR A 158 28.25 28.44 -16.99
N ALA A 159 27.96 27.64 -15.97
CA ALA A 159 26.97 26.58 -16.10
C ALA A 159 25.60 27.14 -16.48
N TRP A 160 25.34 28.40 -16.14
CA TRP A 160 24.05 29.00 -16.46
C TRP A 160 23.86 29.18 -17.97
N GLN A 161 24.95 29.02 -18.74
CA GLN A 161 24.89 29.16 -20.19
C GLN A 161 23.88 28.16 -20.76
N SER A 162 23.66 27.06 -20.03
CA SER A 162 22.73 26.02 -20.42
C SER A 162 22.93 25.53 -21.85
N GLY A 163 24.19 25.32 -22.23
CA GLY A 163 24.50 24.87 -23.56
C GLY A 163 23.87 23.53 -23.93
N THR A 164 23.57 22.71 -22.93
CA THR A 164 22.97 21.41 -23.17
C THR A 164 21.80 21.13 -22.24
N ASN A 165 21.91 21.57 -20.99
CA ASN A 165 20.85 21.37 -20.01
C ASN A 165 19.59 22.10 -20.43
N ALA A 166 18.45 21.64 -19.92
CA ALA A 166 17.18 22.27 -20.22
C ALA A 166 16.88 23.37 -19.22
N SER A 167 16.73 24.59 -19.72
CA SER A 167 16.42 25.75 -18.88
C SER A 167 15.09 26.31 -19.31
N VAL A 168 14.35 26.86 -18.36
CA VAL A 168 13.06 27.47 -18.63
C VAL A 168 13.18 28.90 -18.12
N PHE A 169 12.92 29.87 -18.98
CA PHE A 169 12.99 31.27 -18.59
C PHE A 169 11.57 31.79 -18.48
N TRP A 170 11.26 32.44 -17.36
CA TRP A 170 9.94 32.99 -17.15
C TRP A 170 10.07 34.48 -16.93
N GLN A 171 9.13 35.22 -17.49
CA GLN A 171 9.11 36.67 -17.37
C GLN A 171 7.89 37.03 -16.54
N HIS A 172 8.08 37.82 -15.49
CA HIS A 172 6.97 38.22 -14.63
C HIS A 172 5.84 38.82 -15.49
N GLY A 173 4.62 38.38 -15.23
CA GLY A 173 3.49 38.87 -15.98
C GLY A 173 2.98 37.86 -16.99
N GLN A 174 3.87 36.99 -17.45
CA GLN A 174 3.53 35.94 -18.41
C GLN A 174 2.94 34.76 -17.65
N PRO A 175 2.14 33.92 -18.34
CA PRO A 175 1.54 32.76 -17.69
C PRO A 175 2.55 31.80 -17.04
N PHE A 176 2.06 31.04 -16.06
CA PHE A 176 2.87 30.09 -15.33
C PHE A 176 3.58 29.10 -16.24
N PRO A 177 4.90 28.91 -16.05
CA PRO A 177 5.66 27.97 -16.87
C PRO A 177 5.20 26.53 -16.64
N ARG A 178 5.30 25.71 -17.67
CA ARG A 178 4.92 24.29 -17.58
C ARG A 178 5.57 23.46 -18.67
N PHE A 179 6.05 22.28 -18.27
CA PHE A 179 6.69 21.37 -19.21
C PHE A 179 6.49 19.93 -18.76
N SER A 180 6.76 18.99 -19.66
CA SER A 180 6.62 17.57 -19.37
C SER A 180 7.97 16.88 -19.35
N LEU A 181 8.06 15.83 -18.57
CA LEU A 181 9.28 15.05 -18.44
C LEU A 181 8.95 13.59 -18.61
N PRO A 182 9.72 12.90 -19.46
CA PRO A 182 9.51 11.46 -19.69
C PRO A 182 9.95 10.66 -18.46
N PHE A 183 9.51 9.41 -18.36
CA PHE A 183 9.90 8.54 -17.25
C PHE A 183 11.44 8.55 -17.25
N LEU A 184 12.01 9.10 -16.17
CA LEU A 184 13.46 9.25 -16.03
C LEU A 184 14.35 8.15 -15.50
N SER A 185 13.78 7.14 -14.86
CA SER A 185 14.61 6.08 -14.28
C SER A 185 15.47 5.24 -15.20
N ILE A 186 16.55 4.70 -14.62
CA ILE A 186 17.48 3.82 -15.36
C ILE A 186 16.92 2.40 -15.26
N ALA A 187 15.91 2.24 -14.40
CA ALA A 187 15.24 0.94 -14.20
C ALA A 187 13.91 1.02 -14.94
N SER A 188 13.09 -0.02 -14.85
CA SER A 188 11.80 -0.05 -15.54
C SER A 188 10.68 0.67 -14.80
N ALA A 189 10.91 0.97 -13.53
CA ALA A 189 9.93 1.66 -12.73
C ALA A 189 10.63 2.36 -11.59
N TYR A 190 9.96 3.35 -11.00
CA TYR A 190 10.53 4.07 -9.87
C TYR A 190 10.27 3.22 -8.64
N TYR A 191 11.22 3.21 -7.71
CA TYR A 191 11.05 2.48 -6.46
C TYR A 191 10.41 3.44 -5.48
N MET A 192 9.28 3.05 -4.89
CA MET A 192 8.65 3.90 -3.90
C MET A 192 9.26 3.45 -2.58
N PHE A 193 9.65 2.18 -2.54
CA PHE A 193 10.29 1.58 -1.38
C PHE A 193 11.43 0.72 -1.90
N TYR A 194 12.49 0.59 -1.11
CA TYR A 194 13.65 -0.19 -1.53
C TYR A 194 14.37 -0.81 -0.34
N ASP A 195 14.17 -2.11 -0.14
CA ASP A 195 14.79 -2.83 0.97
C ASP A 195 16.19 -3.24 0.52
N GLY A 196 17.04 -2.25 0.27
CA GLY A 196 18.39 -2.54 -0.16
C GLY A 196 19.38 -1.45 0.21
N TYR A 197 20.67 -1.73 -0.02
CA TYR A 197 21.75 -0.80 0.28
C TYR A 197 22.62 -0.60 -0.94
N ASP A 198 23.48 0.42 -0.89
CA ASP A 198 24.40 0.68 -2.01
C ASP A 198 25.75 0.02 -1.77
N GLY A 199 25.78 -0.93 -0.83
CA GLY A 199 27.00 -1.65 -0.50
C GLY A 199 26.67 -2.69 0.56
N ASP A 200 27.68 -3.38 1.08
CA ASP A 200 27.45 -4.41 2.09
C ASP A 200 28.18 -4.18 3.42
N THR A 201 28.44 -2.92 3.76
CA THR A 201 29.12 -2.59 5.00
C THR A 201 28.19 -1.85 5.96
N TYR A 202 28.64 -1.72 7.21
CA TYR A 202 27.87 -1.04 8.24
C TYR A 202 27.56 0.41 7.88
N LYS A 203 28.36 0.99 6.99
CA LYS A 203 28.12 2.38 6.61
C LYS A 203 27.43 2.57 5.26
N SER A 204 26.85 1.50 4.72
CA SER A 204 26.15 1.60 3.44
C SER A 204 24.79 2.26 3.65
N ARG A 205 24.37 3.07 2.68
CA ARG A 205 23.09 3.76 2.75
C ARG A 205 21.94 2.78 2.51
N TYR A 206 20.81 3.06 3.12
CA TYR A 206 19.63 2.20 3.02
C TYR A 206 18.43 2.95 2.48
N GLY A 207 17.65 2.29 1.64
CA GLY A 207 16.45 2.92 1.11
C GLY A 207 16.55 3.53 -0.27
N THR A 208 15.47 4.21 -0.64
CA THR A 208 15.35 4.84 -1.94
C THR A 208 16.40 5.90 -2.28
N VAL A 209 17.14 6.40 -1.30
CA VAL A 209 18.16 7.40 -1.62
C VAL A 209 19.20 6.78 -2.54
N VAL A 210 19.32 5.46 -2.45
CA VAL A 210 20.27 4.70 -3.24
C VAL A 210 19.87 4.63 -4.70
N THR A 211 18.57 4.56 -4.95
CA THR A 211 18.04 4.41 -6.31
C THR A 211 17.37 5.62 -6.95
N ASN A 212 16.83 6.52 -6.15
CA ASN A 212 16.10 7.67 -6.69
C ASN A 212 16.79 9.01 -6.81
N ASP A 213 17.89 9.09 -7.55
CA ASP A 213 18.56 10.37 -7.73
C ASP A 213 18.06 10.98 -9.03
N MET A 214 17.36 12.11 -8.93
CA MET A 214 16.81 12.78 -10.11
C MET A 214 17.57 14.04 -10.50
N GLY A 215 18.66 14.33 -9.80
CA GLY A 215 19.43 15.51 -10.13
C GLY A 215 19.14 16.72 -9.28
N THR A 216 19.42 17.90 -9.83
CA THR A 216 19.21 19.15 -9.12
C THR A 216 18.53 20.23 -9.95
N LEU A 217 17.65 21.01 -9.31
CA LEU A 217 16.97 22.11 -9.97
C LEU A 217 17.67 23.37 -9.46
N CYS A 218 18.28 24.13 -10.38
CA CYS A 218 18.98 25.35 -10.01
C CYS A 218 18.21 26.56 -10.51
N SER A 219 17.86 27.46 -9.60
CA SER A 219 17.11 28.65 -9.95
C SER A 219 17.93 29.91 -9.73
N ARG A 220 17.63 30.95 -10.49
CA ARG A 220 18.32 32.22 -10.36
C ARG A 220 17.48 33.36 -10.93
N ILE A 221 17.60 34.53 -10.33
CA ILE A 221 16.89 35.69 -10.83
C ILE A 221 17.85 36.16 -11.90
N VAL A 222 17.40 36.18 -13.15
CA VAL A 222 18.25 36.59 -14.25
C VAL A 222 18.54 38.09 -14.20
N THR A 223 17.52 38.87 -13.82
CA THR A 223 17.66 40.31 -13.72
C THR A 223 18.81 40.67 -12.78
N SER A 224 19.58 41.69 -13.14
CA SER A 224 20.70 42.09 -12.30
C SER A 224 20.17 42.85 -11.09
N GLU A 225 21.05 43.12 -10.12
CA GLU A 225 20.64 43.80 -8.89
C GLU A 225 19.78 45.05 -9.12
N GLN A 226 18.70 45.14 -8.36
CA GLN A 226 17.78 46.27 -8.45
C GLN A 226 17.79 47.01 -7.13
N LEU A 227 17.34 48.26 -7.14
CA LEU A 227 17.30 49.08 -5.94
C LEU A 227 16.45 48.42 -4.88
N HIS A 228 15.24 48.05 -5.25
CA HIS A 228 14.31 47.42 -4.32
C HIS A 228 14.43 45.91 -4.21
N LYS A 229 14.54 45.45 -2.97
CA LYS A 229 14.69 44.03 -2.69
C LYS A 229 13.35 43.31 -2.83
N VAL A 230 13.43 42.06 -3.30
CA VAL A 230 12.24 41.24 -3.49
C VAL A 230 12.47 39.86 -2.91
N LYS A 231 11.37 39.14 -2.67
CA LYS A 231 11.44 37.79 -2.16
C LYS A 231 10.62 36.98 -3.15
N VAL A 232 11.30 36.17 -3.95
CA VAL A 232 10.64 35.34 -4.94
C VAL A 232 10.46 33.93 -4.44
N VAL A 233 9.20 33.50 -4.34
CA VAL A 233 8.91 32.14 -3.91
C VAL A 233 8.31 31.41 -5.08
N THR A 234 8.97 30.34 -5.50
CA THR A 234 8.50 29.55 -6.64
C THR A 234 8.02 28.20 -6.14
N ARG A 235 6.72 27.96 -6.29
CA ARG A 235 6.14 26.69 -5.86
C ARG A 235 6.08 25.74 -7.05
N ILE A 236 6.66 24.56 -6.88
CA ILE A 236 6.70 23.54 -7.94
C ILE A 236 5.56 22.53 -7.78
N TYR A 237 4.73 22.39 -8.80
CA TYR A 237 3.63 21.45 -8.74
C TYR A 237 3.90 20.28 -9.67
N HIS A 238 3.56 19.08 -9.22
CA HIS A 238 3.80 17.87 -10.00
C HIS A 238 2.57 17.02 -10.20
N LYS A 239 2.42 16.54 -11.44
CA LYS A 239 1.30 15.67 -11.78
C LYS A 239 1.82 14.47 -12.56
N ALA A 240 1.30 13.29 -12.23
CA ALA A 240 1.70 12.07 -12.92
C ALA A 240 0.79 11.84 -14.13
N LYS A 241 1.39 11.52 -15.28
CA LYS A 241 0.64 11.27 -16.51
C LYS A 241 1.05 9.93 -17.10
N HIS A 242 0.09 9.20 -17.66
CA HIS A 242 0.35 7.90 -18.28
C HIS A 242 0.95 6.97 -17.25
N THR A 243 0.24 6.87 -16.12
CA THR A 243 0.67 6.10 -14.96
C THR A 243 0.38 4.60 -14.89
N LYS A 244 1.30 3.89 -14.25
CA LYS A 244 1.19 2.46 -14.01
C LYS A 244 1.75 2.26 -12.61
N ALA A 245 1.10 1.40 -11.83
CA ALA A 245 1.53 1.15 -10.46
C ALA A 245 1.48 -0.34 -10.15
N TRP A 246 2.35 -0.79 -9.27
CA TRP A 246 2.41 -2.20 -8.90
C TRP A 246 2.51 -2.45 -7.40
N CYS A 247 1.94 -3.56 -6.96
CA CYS A 247 1.96 -3.98 -5.57
C CYS A 247 1.54 -2.92 -4.56
N PRO A 248 0.22 -2.80 -4.33
CA PRO A 248 -0.36 -1.84 -3.39
C PRO A 248 0.06 -2.15 -1.96
N ARG A 249 0.17 -1.12 -1.13
CA ARG A 249 0.54 -1.35 0.25
C ARG A 249 -0.26 -0.47 1.21
N PRO A 250 -0.15 -0.72 2.53
CA PRO A 250 -0.89 0.08 3.52
C PRO A 250 -0.49 1.55 3.47
N PRO A 251 -1.45 2.44 3.75
CA PRO A 251 -1.16 3.87 3.72
C PRO A 251 -0.35 4.26 4.95
N ARG A 252 0.47 5.30 4.81
CA ARG A 252 1.29 5.79 5.91
C ARG A 252 0.33 6.14 7.05
N ALA A 253 0.56 5.55 8.22
CA ALA A 253 -0.32 5.78 9.39
C ALA A 253 0.18 6.84 10.35
N VAL A 254 1.47 7.14 10.31
CA VAL A 254 2.07 8.15 11.19
C VAL A 254 2.69 9.24 10.34
N GLN A 255 3.02 10.38 10.95
CA GLN A 255 3.63 11.47 10.19
C GLN A 255 4.99 11.07 9.65
N TYR A 256 5.39 11.74 8.57
CA TYR A 256 6.69 11.49 7.97
C TYR A 256 7.67 12.36 8.74
N SER A 257 8.92 11.93 8.83
CA SER A 257 9.90 12.75 9.53
C SER A 257 11.02 13.15 8.57
N HIS A 258 11.43 12.23 7.71
CA HIS A 258 12.50 12.54 6.76
C HIS A 258 12.25 12.00 5.36
N THR A 259 13.04 12.48 4.40
CA THR A 259 12.91 12.05 3.03
C THR A 259 13.65 10.74 2.85
N HIS A 260 13.19 9.96 1.87
CA HIS A 260 13.78 8.68 1.53
C HIS A 260 13.83 7.61 2.63
N THR A 261 13.08 7.82 3.71
CA THR A 261 13.07 6.83 4.78
C THR A 261 11.70 6.70 5.42
N THR A 262 11.42 5.51 5.94
CA THR A 262 10.14 5.23 6.58
C THR A 262 10.17 5.57 8.05
N ASN A 263 11.32 6.05 8.52
CA ASN A 263 11.51 6.42 9.91
C ASN A 263 10.35 7.24 10.46
N TYR A 264 10.08 7.10 11.74
CA TYR A 264 9.00 7.83 12.39
C TYR A 264 9.33 8.04 13.86
N LYS A 265 8.55 8.87 14.53
CA LYS A 265 8.78 9.11 15.95
C LYS A 265 7.47 8.81 16.67
N LEU A 266 7.60 8.29 17.89
CA LEU A 266 6.43 7.95 18.70
C LEU A 266 6.51 8.68 20.02
N SER A 267 5.37 9.18 20.49
CA SER A 267 5.32 9.87 21.77
C SER A 267 5.01 8.83 22.84
N SER A 268 4.94 9.27 24.09
CA SER A 268 4.66 8.36 25.20
C SER A 268 3.19 7.91 25.11
N GLU A 269 2.37 8.72 24.46
CA GLU A 269 0.95 8.39 24.29
C GLU A 269 0.67 8.12 22.81
N VAL A 270 1.04 6.93 22.36
CA VAL A 270 0.89 6.56 20.94
C VAL A 270 -0.45 6.82 20.27
N HIS A 271 -1.54 6.82 21.03
CA HIS A 271 -2.84 7.06 20.39
C HIS A 271 -2.89 8.45 19.75
N ASN A 272 -1.99 9.34 20.16
CA ASN A 272 -1.94 10.68 19.61
C ASN A 272 -1.15 10.68 18.29
N ASP A 273 -0.36 9.65 18.07
CA ASP A 273 0.45 9.55 16.86
C ASP A 273 -0.26 8.95 15.66
N VAL A 274 -1.39 8.30 15.88
CA VAL A 274 -2.17 7.70 14.79
C VAL A 274 -3.56 8.32 14.72
N ALA A 275 -4.25 8.11 13.59
CA ALA A 275 -5.57 8.68 13.37
C ALA A 275 -6.69 7.93 14.09
N ILE A 276 -6.33 6.84 14.76
CA ILE A 276 -7.33 6.05 15.48
C ILE A 276 -7.81 6.82 16.71
N ARG A 277 -9.12 7.05 16.79
CA ARG A 277 -9.70 7.75 17.93
C ARG A 277 -10.10 6.68 18.95
N PRO A 278 -9.57 6.78 20.17
CA PRO A 278 -9.88 5.80 21.23
C PRO A 278 -11.38 5.61 21.44
N ARG A 279 -11.80 4.36 21.59
CA ARG A 279 -13.20 4.07 21.84
C ARG A 279 -13.39 4.00 23.35
N THR A 280 -14.61 4.28 23.81
CA THR A 280 -14.90 4.22 25.23
C THR A 280 -14.89 2.75 25.64
N ASN A 281 -15.50 1.92 24.78
CA ASN A 281 -15.57 0.48 24.97
C ASN A 281 -16.09 -0.13 23.67
N LEU A 282 -16.21 -1.46 23.64
CA LEU A 282 -16.66 -2.17 22.45
C LEU A 282 -18.09 -1.92 21.97
N THR A 283 -18.97 -1.49 22.87
CA THR A 283 -20.36 -1.27 22.49
C THR A 283 -20.78 0.19 22.32
N THR A 284 -19.84 1.10 22.49
CA THR A 284 -20.14 2.52 22.33
C THR A 284 -19.80 2.93 20.89
N VAL A 285 -20.84 3.18 20.10
CA VAL A 285 -20.67 3.55 18.70
C VAL A 285 -20.16 4.98 18.54
N SER B 10 -8.28 -35.09 -0.81
CA SER B 10 -8.84 -34.13 0.19
C SER B 10 -8.24 -32.74 -0.02
N ASP B 11 -9.06 -31.71 0.26
CA ASP B 11 -8.62 -30.33 0.11
C ASP B 11 -7.79 -29.87 1.34
N ARG B 12 -7.72 -30.74 2.36
CA ARG B 12 -6.97 -30.44 3.59
C ARG B 12 -5.52 -30.88 3.49
N ILE B 13 -5.24 -31.73 2.50
CA ILE B 13 -3.89 -32.28 2.30
C ILE B 13 -3.08 -31.58 1.22
N ILE B 14 -1.76 -31.60 1.37
CA ILE B 14 -0.86 -31.00 0.38
C ILE B 14 0.47 -31.72 0.39
N GLN B 15 1.06 -31.87 -0.79
CA GLN B 15 2.36 -32.48 -0.94
C GLN B 15 3.09 -31.56 -1.88
N ILE B 16 4.25 -31.08 -1.46
CA ILE B 16 5.04 -30.20 -2.30
C ILE B 16 6.40 -30.83 -2.50
N THR B 17 6.74 -31.10 -3.76
CA THR B 17 8.02 -31.68 -4.06
C THR B 17 8.86 -30.68 -4.84
N ARG B 18 10.08 -30.48 -4.36
CA ARG B 18 11.02 -29.55 -4.97
C ARG B 18 12.37 -30.24 -4.89
N GLY B 19 12.98 -30.52 -6.04
CA GLY B 19 14.27 -31.19 -6.03
C GLY B 19 14.23 -32.52 -5.31
N ASP B 20 15.06 -32.65 -4.27
CA ASP B 20 15.10 -33.88 -3.49
C ASP B 20 14.31 -33.78 -2.20
N SER B 21 13.44 -32.78 -2.10
CA SER B 21 12.64 -32.61 -0.90
C SER B 21 11.14 -32.65 -1.14
N THR B 22 10.44 -33.30 -0.23
CA THR B 22 9.00 -33.40 -0.31
C THR B 22 8.44 -33.03 1.06
N ILE B 23 7.50 -32.09 1.07
CA ILE B 23 6.90 -31.63 2.30
C ILE B 23 5.41 -31.95 2.29
N THR B 24 4.88 -32.33 3.43
CA THR B 24 3.46 -32.65 3.52
C THR B 24 2.80 -31.92 4.67
N SER B 25 1.47 -31.90 4.63
CA SER B 25 0.65 -31.29 5.66
C SER B 25 -0.72 -31.87 5.43
N GLN B 26 -1.36 -32.32 6.51
CA GLN B 26 -2.67 -32.92 6.39
C GLN B 26 -3.77 -31.95 6.85
N ASP B 27 -3.37 -30.72 7.15
CA ASP B 27 -4.32 -29.69 7.57
C ASP B 27 -3.90 -28.34 7.02
N VAL B 28 -4.19 -28.11 5.75
CA VAL B 28 -3.85 -26.85 5.10
C VAL B 28 -5.07 -25.98 4.88
N ALA B 29 -4.82 -24.74 4.49
CA ALA B 29 -5.87 -23.78 4.20
C ALA B 29 -5.56 -23.29 2.80
N ASN B 30 -5.51 -24.23 1.86
CA ASN B 30 -5.20 -23.94 0.47
C ASN B 30 -3.78 -23.38 0.38
N ALA B 31 -3.48 -22.67 -0.70
CA ALA B 31 -2.17 -22.09 -0.88
C ALA B 31 -2.36 -20.76 -1.60
N VAL B 32 -1.43 -19.84 -1.42
CA VAL B 32 -1.54 -18.55 -2.06
C VAL B 32 -0.41 -18.37 -3.06
N VAL B 33 -0.75 -17.89 -4.24
CA VAL B 33 0.25 -17.62 -5.25
C VAL B 33 0.29 -16.10 -5.31
N GLY B 34 1.37 -15.54 -4.78
CA GLY B 34 1.53 -14.10 -4.75
C GLY B 34 1.22 -13.38 -6.05
N TYR B 35 0.26 -12.47 -5.99
CA TYR B 35 -0.16 -11.67 -7.15
C TYR B 35 -0.59 -12.52 -8.35
N GLY B 36 -0.92 -13.77 -8.10
CA GLY B 36 -1.37 -14.67 -9.14
C GLY B 36 -0.36 -15.03 -10.21
N VAL B 37 0.92 -14.79 -9.95
CA VAL B 37 1.95 -15.10 -10.93
C VAL B 37 2.89 -16.19 -10.43
N TRP B 38 2.98 -17.27 -11.19
CA TRP B 38 3.85 -18.37 -10.82
C TRP B 38 5.27 -18.01 -11.25
N PRO B 39 6.28 -18.31 -10.40
CA PRO B 39 7.66 -17.99 -10.75
C PRO B 39 8.09 -18.59 -12.09
N HIS B 40 8.93 -17.85 -12.82
CA HIS B 40 9.41 -18.29 -14.13
C HIS B 40 10.74 -17.63 -14.46
N TYR B 41 11.50 -18.27 -15.34
CA TYR B 41 12.80 -17.76 -15.75
C TYR B 41 12.66 -16.47 -16.54
N LEU B 42 13.74 -15.68 -16.52
CA LEU B 42 13.78 -14.41 -17.21
C LEU B 42 13.78 -14.61 -18.72
N THR B 43 12.93 -13.85 -19.41
CA THR B 43 12.80 -13.93 -20.85
C THR B 43 13.73 -12.93 -21.54
N PRO B 44 14.14 -13.21 -22.78
CA PRO B 44 15.04 -12.31 -23.49
C PRO B 44 14.47 -10.90 -23.72
N GLN B 45 13.15 -10.75 -23.67
CA GLN B 45 12.57 -9.42 -23.87
C GLN B 45 12.78 -8.53 -22.64
N ASP B 46 12.79 -9.13 -21.46
CA ASP B 46 12.97 -8.38 -20.22
C ASP B 46 14.42 -8.34 -19.70
N ALA B 47 15.27 -9.21 -20.24
CA ALA B 47 16.67 -9.29 -19.84
C ALA B 47 17.48 -8.05 -20.19
N THR B 48 18.56 -7.83 -19.44
CA THR B 48 19.47 -6.72 -19.67
C THR B 48 20.92 -7.23 -19.62
N ALA B 49 21.27 -7.99 -18.58
CA ALA B 49 22.61 -8.55 -18.46
C ALA B 49 22.75 -9.50 -19.65
N ILE B 50 23.85 -9.42 -20.39
CA ILE B 50 24.02 -10.26 -21.58
C ILE B 50 24.75 -11.59 -21.48
N ASP B 51 25.29 -11.94 -20.32
CA ASP B 51 25.96 -13.23 -20.22
C ASP B 51 24.93 -14.32 -19.99
N LYS B 52 25.28 -15.53 -20.41
CA LYS B 52 24.40 -16.69 -20.24
C LYS B 52 24.25 -17.01 -18.75
N PRO B 53 23.00 -17.09 -18.25
CA PRO B 53 22.75 -17.39 -16.84
C PRO B 53 23.03 -18.83 -16.46
N THR B 54 23.35 -19.05 -15.19
CA THR B 54 23.59 -20.40 -14.71
C THR B 54 22.30 -20.74 -13.97
N GLN B 55 21.78 -21.94 -14.20
CA GLN B 55 20.54 -22.38 -13.55
C GLN B 55 20.80 -23.73 -12.90
N PRO B 56 21.17 -23.73 -11.60
CA PRO B 56 21.45 -24.92 -10.81
C PRO B 56 20.35 -25.96 -10.76
N ASP B 57 19.13 -25.54 -11.05
CA ASP B 57 17.99 -26.43 -11.05
C ASP B 57 17.73 -27.15 -9.71
N THR B 58 17.70 -28.48 -9.71
CA THR B 58 17.40 -29.22 -8.47
C THR B 58 18.34 -29.04 -7.30
N SER B 59 19.60 -28.70 -7.55
CA SER B 59 20.54 -28.53 -6.45
C SER B 59 20.34 -27.19 -5.74
N SER B 60 19.55 -26.30 -6.32
CA SER B 60 19.29 -25.01 -5.70
C SER B 60 17.81 -24.85 -5.37
N ASN B 61 16.95 -25.35 -6.24
CA ASN B 61 15.51 -25.26 -6.06
C ASN B 61 14.97 -26.42 -5.24
N ARG B 62 15.25 -26.39 -3.94
CA ARG B 62 14.83 -27.41 -3.02
C ARG B 62 14.48 -26.72 -1.70
N PHE B 63 13.79 -27.44 -0.81
CA PHE B 63 13.40 -26.86 0.47
C PHE B 63 14.55 -26.79 1.46
N TYR B 64 14.72 -25.61 2.06
CA TYR B 64 15.75 -25.39 3.07
C TYR B 64 15.01 -25.04 4.34
N THR B 65 15.24 -25.79 5.42
CA THR B 65 14.55 -25.51 6.67
C THR B 65 15.40 -24.64 7.58
N LEU B 66 14.83 -23.51 7.99
CA LEU B 66 15.50 -22.54 8.85
C LEU B 66 15.44 -22.97 10.31
N ASP B 67 16.04 -22.16 11.19
CA ASP B 67 16.03 -22.47 12.62
C ASP B 67 14.62 -22.30 13.15
N SER B 68 14.17 -23.24 13.96
CA SER B 68 12.82 -23.17 14.51
C SER B 68 12.77 -22.12 15.60
N LYS B 69 11.56 -21.60 15.85
CA LYS B 69 11.36 -20.59 16.87
C LYS B 69 10.31 -21.11 17.84
N MET B 70 10.31 -20.59 19.06
CA MET B 70 9.33 -21.03 20.04
C MET B 70 8.27 -19.97 20.17
N TRP B 71 7.02 -20.41 20.09
CA TRP B 71 5.89 -19.51 20.21
C TRP B 71 5.34 -19.62 21.62
N ASN B 72 5.26 -18.51 22.33
CA ASN B 72 4.70 -18.51 23.68
C ASN B 72 3.77 -17.32 23.85
N SER B 73 3.03 -17.34 24.94
CA SER B 73 2.05 -16.30 25.26
C SER B 73 2.53 -14.85 25.11
N THR B 74 3.83 -14.63 25.16
CA THR B 74 4.33 -13.27 25.05
C THR B 74 5.04 -12.92 23.74
N SER B 75 5.07 -13.86 22.79
CA SER B 75 5.73 -13.60 21.51
C SER B 75 5.12 -12.42 20.77
N LYS B 76 5.97 -11.57 20.20
CA LYS B 76 5.51 -10.40 19.47
C LYS B 76 5.57 -10.58 17.95
N GLY B 77 6.38 -11.52 17.50
CA GLY B 77 6.50 -11.76 16.08
C GLY B 77 7.91 -12.11 15.66
N TRP B 78 8.07 -12.45 14.38
CA TRP B 78 9.36 -12.81 13.81
C TRP B 78 9.37 -12.39 12.35
N TRP B 79 10.55 -12.13 11.80
CA TRP B 79 10.65 -11.80 10.39
C TRP B 79 11.98 -12.26 9.83
N TRP B 80 11.98 -12.62 8.55
CA TRP B 80 13.16 -13.06 7.84
C TRP B 80 13.13 -12.30 6.53
N LYS B 81 14.29 -12.12 5.91
CA LYS B 81 14.33 -11.42 4.65
C LYS B 81 14.95 -12.35 3.61
N LEU B 82 14.42 -12.30 2.39
CA LEU B 82 14.90 -13.13 1.30
C LEU B 82 15.55 -12.26 0.24
N PRO B 83 16.65 -12.73 -0.36
CA PRO B 83 17.32 -14.02 -0.13
C PRO B 83 18.25 -14.17 1.09
N ASP B 84 18.40 -13.12 1.89
CA ASP B 84 19.28 -13.18 3.05
C ASP B 84 19.18 -14.46 3.89
N ALA B 85 17.96 -14.87 4.23
CA ALA B 85 17.76 -16.05 5.06
C ALA B 85 18.36 -17.34 4.50
N LEU B 86 18.62 -17.37 3.20
CA LEU B 86 19.18 -18.56 2.58
C LEU B 86 20.64 -18.41 2.16
N LYS B 87 21.27 -17.32 2.55
CA LYS B 87 22.66 -17.05 2.17
C LYS B 87 23.66 -18.14 2.53
N ASP B 88 23.30 -18.96 3.50
CA ASP B 88 24.19 -20.03 3.94
C ASP B 88 23.58 -21.40 3.68
N MET B 89 22.66 -21.47 2.73
CA MET B 89 22.00 -22.72 2.40
C MET B 89 22.53 -23.38 1.13
N GLY B 90 23.38 -24.39 1.33
CA GLY B 90 23.97 -25.13 0.23
C GLY B 90 24.29 -24.41 -1.05
N ILE B 91 24.00 -25.05 -2.17
CA ILE B 91 24.28 -24.51 -3.49
C ILE B 91 23.63 -23.16 -3.78
N PHE B 92 22.44 -22.92 -3.26
CA PHE B 92 21.78 -21.64 -3.49
C PHE B 92 22.65 -20.53 -2.89
N GLY B 93 23.08 -20.75 -1.64
CA GLY B 93 23.92 -19.77 -0.98
C GLY B 93 25.21 -19.50 -1.72
N GLU B 94 25.90 -20.55 -2.13
CA GLU B 94 27.16 -20.39 -2.85
C GLU B 94 26.99 -19.55 -4.08
N ASN B 95 25.94 -19.84 -4.85
CA ASN B 95 25.69 -19.10 -6.07
C ASN B 95 25.41 -17.61 -5.86
N MET B 96 24.72 -17.25 -4.80
CA MET B 96 24.44 -15.83 -4.61
C MET B 96 25.67 -15.02 -4.25
N PHE B 97 26.73 -15.65 -3.75
CA PHE B 97 27.95 -14.91 -3.40
C PHE B 97 28.99 -14.93 -4.52
N TYR B 98 28.94 -15.97 -5.35
CA TYR B 98 29.88 -16.10 -6.47
C TYR B 98 29.44 -15.27 -7.68
N HIS B 99 28.19 -14.83 -7.67
CA HIS B 99 27.66 -14.05 -8.78
C HIS B 99 27.18 -12.67 -8.34
N PHE B 100 27.32 -11.69 -9.24
CA PHE B 100 26.89 -10.34 -8.94
C PHE B 100 25.37 -10.30 -8.95
N LEU B 101 24.78 -10.91 -9.98
CA LEU B 101 23.33 -10.93 -10.15
C LEU B 101 22.67 -12.27 -9.88
N GLY B 102 21.45 -12.20 -9.36
CA GLY B 102 20.67 -13.38 -9.06
C GLY B 102 19.20 -13.07 -9.23
N ARG B 103 18.38 -14.11 -9.36
CA ARG B 103 16.95 -13.96 -9.55
C ARG B 103 16.29 -15.25 -9.08
N SER B 104 15.20 -15.11 -8.33
CA SER B 104 14.53 -16.29 -7.81
C SER B 104 13.14 -16.05 -7.25
N GLY B 105 12.35 -17.12 -7.29
CA GLY B 105 11.00 -17.10 -6.76
C GLY B 105 11.06 -18.03 -5.57
N TYR B 106 9.99 -18.15 -4.80
CA TYR B 106 10.04 -19.02 -3.63
C TYR B 106 8.72 -19.67 -3.25
N THR B 107 8.84 -20.80 -2.57
CA THR B 107 7.70 -21.52 -2.03
C THR B 107 8.00 -21.47 -0.53
N VAL B 108 7.17 -20.74 0.20
CA VAL B 108 7.34 -20.61 1.63
C VAL B 108 6.32 -21.49 2.34
N HIS B 109 6.81 -22.41 3.18
CA HIS B 109 5.94 -23.31 3.92
C HIS B 109 6.18 -23.14 5.42
N VAL B 110 5.26 -22.47 6.11
CA VAL B 110 5.37 -22.26 7.55
C VAL B 110 4.62 -23.38 8.27
N GLN B 111 5.31 -23.99 9.24
CA GLN B 111 4.74 -25.10 9.99
C GLN B 111 4.54 -24.83 11.47
N CYS B 112 3.36 -25.19 11.98
CA CYS B 112 3.04 -25.02 13.38
C CYS B 112 1.84 -25.86 13.78
N ASN B 113 2.09 -26.94 14.51
CA ASN B 113 1.02 -27.81 14.97
C ASN B 113 0.91 -27.67 16.47
N ALA B 114 -0.29 -27.91 16.99
CA ALA B 114 -0.55 -27.83 18.42
C ALA B 114 -1.51 -28.98 18.77
N SER B 115 -2.75 -28.65 19.10
CA SER B 115 -3.74 -29.67 19.43
C SER B 115 -5.12 -29.06 19.36
N LYS B 116 -6.15 -29.90 19.44
CA LYS B 116 -7.51 -29.41 19.37
C LYS B 116 -7.95 -28.71 20.63
N PHE B 117 -7.03 -28.56 21.59
CA PHE B 117 -7.33 -27.88 22.84
C PHE B 117 -6.46 -26.64 23.02
N HIS B 118 -5.77 -26.28 21.94
CA HIS B 118 -4.92 -25.11 21.90
C HIS B 118 -5.63 -24.09 21.03
N GLN B 119 -5.30 -22.82 21.18
CA GLN B 119 -5.88 -21.80 20.35
C GLN B 119 -4.79 -20.76 20.13
N GLY B 120 -4.84 -20.09 18.98
CA GLY B 120 -3.85 -19.11 18.65
C GLY B 120 -3.91 -18.86 17.16
N THR B 121 -3.42 -17.71 16.73
CA THR B 121 -3.48 -17.38 15.31
C THR B 121 -2.27 -16.58 14.86
N LEU B 122 -1.60 -17.09 13.84
CA LEU B 122 -0.44 -16.42 13.28
C LEU B 122 -0.82 -15.81 11.95
N LEU B 123 -0.33 -14.60 11.69
CA LEU B 123 -0.58 -13.92 10.43
C LEU B 123 0.74 -14.04 9.68
N VAL B 124 0.74 -14.81 8.59
CA VAL B 124 1.94 -15.01 7.78
C VAL B 124 1.85 -14.14 6.54
N VAL B 125 2.78 -13.18 6.40
CA VAL B 125 2.77 -12.26 5.27
C VAL B 125 4.09 -12.21 4.51
N MET B 126 4.00 -12.04 3.19
CA MET B 126 5.16 -11.91 2.33
C MET B 126 5.10 -10.47 1.82
N ILE B 127 6.05 -9.65 2.24
CA ILE B 127 6.07 -8.24 1.86
C ILE B 127 7.18 -7.87 0.87
N PRO B 128 6.84 -7.26 -0.26
CA PRO B 128 7.85 -6.86 -1.24
C PRO B 128 8.42 -5.49 -0.82
N GLU B 129 9.75 -5.36 -0.86
CA GLU B 129 10.41 -4.12 -0.48
C GLU B 129 9.98 -3.64 0.90
N HIS B 130 10.18 -4.46 1.92
CA HIS B 130 9.82 -4.07 3.29
C HIS B 130 10.96 -3.22 3.83
N GLN B 131 10.93 -1.93 3.50
CA GLN B 131 11.96 -0.98 3.93
C GLN B 131 11.68 -0.56 5.36
N LEU B 132 12.38 -1.20 6.30
CA LEU B 132 12.24 -0.95 7.72
C LEU B 132 12.59 0.47 8.14
N ALA B 133 11.96 0.88 9.24
CA ALA B 133 12.15 2.20 9.81
C ALA B 133 12.82 2.11 11.16
N THR B 134 13.35 3.25 11.62
CA THR B 134 13.97 3.33 12.94
C THR B 134 13.03 4.28 13.66
N VAL B 135 12.95 4.15 14.99
CA VAL B 135 12.06 5.01 15.77
C VAL B 135 12.83 6.01 16.62
N ASN B 136 12.40 7.27 16.55
CA ASN B 136 13.00 8.34 17.33
C ASN B 136 14.52 8.45 17.17
N LYS B 137 15.03 8.21 15.99
CA LYS B 137 16.47 8.30 15.77
C LYS B 137 16.82 9.21 14.61
N GLY B 138 15.92 10.15 14.31
CA GLY B 138 16.16 11.08 13.23
C GLY B 138 16.23 10.41 11.87
N ASN B 139 17.21 10.82 11.06
CA ASN B 139 17.36 10.25 9.73
C ASN B 139 18.35 9.08 9.69
N VAL B 140 18.64 8.49 10.85
CA VAL B 140 19.53 7.33 10.89
C VAL B 140 18.70 6.11 10.48
N ASN B 141 19.16 5.40 9.44
CA ASN B 141 18.44 4.24 8.94
C ASN B 141 18.98 2.91 9.43
N ALA B 142 18.14 1.89 9.32
CA ALA B 142 18.48 0.53 9.73
C ALA B 142 19.80 0.07 9.14
N GLY B 143 20.68 -0.43 10.01
CA GLY B 143 21.99 -0.88 9.58
C GLY B 143 21.96 -2.20 8.84
N TYR B 144 22.85 -2.31 7.86
CA TYR B 144 22.96 -3.52 7.04
C TYR B 144 22.95 -4.81 7.86
N LYS B 145 23.74 -4.83 8.92
CA LYS B 145 23.83 -6.00 9.79
C LYS B 145 22.48 -6.40 10.36
N TYR B 146 21.67 -5.43 10.75
CA TYR B 146 20.37 -5.70 11.35
C TYR B 146 19.30 -6.19 10.39
N THR B 147 19.44 -5.84 9.11
CA THR B 147 18.46 -6.29 8.12
C THR B 147 19.00 -7.52 7.40
N HIS B 148 20.06 -8.11 7.93
CA HIS B 148 20.64 -9.31 7.33
C HIS B 148 20.97 -10.36 8.40
N PRO B 149 19.96 -10.74 9.21
CA PRO B 149 20.11 -11.71 10.28
C PRO B 149 20.35 -13.16 9.86
N GLY B 150 20.16 -13.44 8.57
CA GLY B 150 20.34 -14.80 8.10
C GLY B 150 19.20 -15.70 8.53
N GLU B 151 19.45 -17.00 8.49
CA GLU B 151 18.45 -18.01 8.86
C GLU B 151 17.85 -17.87 10.26
N ALA B 152 18.53 -17.17 11.15
CA ALA B 152 18.03 -16.97 12.51
C ALA B 152 16.87 -15.98 12.51
N GLY B 153 16.86 -15.10 11.52
CA GLY B 153 15.81 -14.09 11.43
C GLY B 153 15.85 -13.19 12.64
N ARG B 154 14.76 -12.49 12.90
CA ARG B 154 14.71 -11.60 14.04
C ARG B 154 13.51 -11.88 14.92
N GLU B 155 13.75 -11.98 16.22
CA GLU B 155 12.70 -12.20 17.19
C GLU B 155 12.31 -10.81 17.63
N VAL B 156 11.09 -10.40 17.34
CA VAL B 156 10.66 -9.07 17.73
C VAL B 156 10.56 -8.93 19.24
N GLY B 157 11.11 -7.82 19.75
CA GLY B 157 11.05 -7.54 21.17
C GLY B 157 12.10 -8.23 22.05
N THR B 158 13.28 -8.51 21.50
CA THR B 158 14.32 -9.18 22.28
C THR B 158 15.61 -8.40 22.20
N GLN B 159 15.90 -7.92 21.00
CA GLN B 159 17.13 -7.16 20.74
C GLN B 159 17.32 -5.88 21.58
N VAL B 160 18.44 -5.82 22.28
CA VAL B 160 18.77 -4.65 23.08
C VAL B 160 19.10 -3.58 22.04
N GLU B 161 18.26 -2.54 22.03
CA GLU B 161 18.42 -1.42 21.08
C GLU B 161 19.83 -0.87 20.85
N ASN B 162 20.08 -0.50 19.59
CA ASN B 162 21.35 0.11 19.14
C ASN B 162 20.89 1.23 18.23
N GLU B 163 21.77 2.18 17.92
CA GLU B 163 21.36 3.30 17.06
C GLU B 163 20.80 2.90 15.70
N LYS B 164 21.42 1.90 15.07
CA LYS B 164 20.99 1.44 13.76
C LYS B 164 19.97 0.30 13.83
N GLN B 165 19.46 0.05 15.04
CA GLN B 165 18.48 -0.99 15.27
C GLN B 165 17.12 -0.62 14.69
N PRO B 166 16.59 -1.48 13.81
CA PRO B 166 15.27 -1.21 13.21
C PRO B 166 14.14 -1.18 14.25
N SER B 167 12.96 -0.77 13.80
CA SER B 167 11.76 -0.69 14.65
C SER B 167 11.30 -2.08 15.05
N ASP B 168 10.76 -2.21 16.26
CA ASP B 168 10.27 -3.49 16.74
C ASP B 168 8.77 -3.36 17.04
N ASP B 169 8.13 -2.35 16.47
CA ASP B 169 6.71 -2.12 16.68
C ASP B 169 5.90 -2.96 15.69
N ASN B 170 5.46 -4.13 16.13
CA ASN B 170 4.70 -5.00 15.24
C ASN B 170 3.38 -4.38 14.78
N TRP B 171 2.72 -3.60 15.64
CA TRP B 171 1.45 -2.99 15.26
C TRP B 171 1.63 -1.92 14.19
N LEU B 172 2.85 -1.46 13.97
CA LEU B 172 3.12 -0.45 12.95
C LEU B 172 3.95 -1.03 11.80
N ASN B 173 3.89 -2.35 11.66
CA ASN B 173 4.58 -3.10 10.61
C ASN B 173 6.08 -2.82 10.49
N PHE B 174 6.67 -2.28 11.55
CA PHE B 174 8.09 -1.94 11.56
C PHE B 174 8.43 -0.91 10.49
N ASP B 175 7.41 -0.24 9.95
CA ASP B 175 7.65 0.76 8.91
C ASP B 175 6.67 1.95 8.87
N GLY B 176 5.85 2.09 9.90
CA GLY B 176 4.94 3.22 9.95
C GLY B 176 3.56 3.05 9.33
N THR B 177 3.13 1.81 9.15
CA THR B 177 1.82 1.54 8.57
C THR B 177 1.12 0.60 9.55
N LEU B 178 -0.22 0.58 9.54
CA LEU B 178 -0.94 -0.25 10.49
C LEU B 178 -1.04 -1.74 10.16
N LEU B 179 -0.82 -2.56 11.18
CA LEU B 179 -0.84 -4.02 11.07
C LEU B 179 -2.06 -4.58 10.37
N GLY B 180 -3.23 -4.05 10.67
CA GLY B 180 -4.46 -4.53 10.07
C GLY B 180 -4.51 -4.49 8.54
N ASN B 181 -3.68 -3.67 7.93
CA ASN B 181 -3.69 -3.56 6.48
C ASN B 181 -2.62 -4.41 5.78
N LEU B 182 -1.91 -5.23 6.54
CA LEU B 182 -0.89 -6.08 5.96
C LEU B 182 -1.55 -7.09 5.01
N LEU B 183 -2.84 -7.31 5.19
CA LEU B 183 -3.57 -8.27 4.37
C LEU B 183 -3.61 -7.90 2.88
N ILE B 184 -3.15 -6.70 2.54
CA ILE B 184 -3.13 -6.27 1.15
C ILE B 184 -1.99 -7.00 0.44
N PHE B 185 -1.06 -7.55 1.22
CA PHE B 185 0.06 -8.29 0.67
C PHE B 185 -0.29 -9.79 0.69
N PRO B 186 0.44 -10.59 -0.10
CA PRO B 186 0.18 -12.05 -0.14
C PRO B 186 0.29 -12.55 1.29
N HIS B 187 -0.71 -13.27 1.77
CA HIS B 187 -0.70 -13.77 3.14
C HIS B 187 -1.64 -14.93 3.37
N GLN B 188 -1.49 -15.51 4.56
CA GLN B 188 -2.30 -16.62 5.02
C GLN B 188 -2.31 -16.55 6.54
N PHE B 189 -3.24 -17.27 7.17
CA PHE B 189 -3.32 -17.30 8.62
C PHE B 189 -3.16 -18.75 9.05
N ILE B 190 -2.48 -18.96 10.18
CA ILE B 190 -2.36 -20.30 10.72
C ILE B 190 -3.19 -20.21 11.98
N ASN B 191 -4.46 -20.59 11.86
CA ASN B 191 -5.41 -20.58 12.98
C ASN B 191 -5.40 -22.02 13.49
N LEU B 192 -4.78 -22.22 14.65
CA LEU B 192 -4.65 -23.54 15.25
C LEU B 192 -5.88 -24.45 15.19
N ARG B 193 -7.09 -23.88 15.20
CA ARG B 193 -8.28 -24.70 15.14
C ARG B 193 -8.59 -25.21 13.75
N SER B 194 -7.99 -24.59 12.73
CA SER B 194 -8.22 -24.96 11.34
C SER B 194 -7.07 -25.60 10.58
N ASN B 195 -5.88 -24.99 10.67
CA ASN B 195 -4.75 -25.53 9.94
C ASN B 195 -3.47 -25.59 10.75
N ASN B 196 -2.49 -26.34 10.25
CA ASN B 196 -1.21 -26.47 10.94
C ASN B 196 -0.06 -26.02 10.05
N SER B 197 -0.39 -25.32 8.97
CA SER B 197 0.63 -24.83 8.05
C SER B 197 0.07 -23.78 7.11
N ALA B 198 0.97 -23.03 6.48
CA ALA B 198 0.63 -21.99 5.52
C ALA B 198 1.60 -22.17 4.36
N THR B 199 1.10 -21.99 3.15
CA THR B 199 1.93 -22.14 1.97
C THR B 199 1.74 -20.95 1.02
N LEU B 200 2.83 -20.28 0.69
CA LEU B 200 2.79 -19.15 -0.22
C LEU B 200 3.84 -19.32 -1.30
N ILE B 201 3.42 -19.20 -2.56
CA ILE B 201 4.35 -19.30 -3.68
C ILE B 201 4.44 -17.89 -4.22
N VAL B 202 5.63 -17.30 -4.20
CA VAL B 202 5.79 -15.94 -4.71
C VAL B 202 6.76 -15.86 -5.88
N PRO B 203 6.43 -15.05 -6.89
CA PRO B 203 7.27 -14.86 -8.07
C PRO B 203 8.33 -13.80 -7.77
N TYR B 204 9.24 -13.60 -8.70
CA TYR B 204 10.27 -12.58 -8.51
C TYR B 204 9.58 -11.25 -8.78
N VAL B 205 9.73 -10.30 -7.86
CA VAL B 205 9.14 -8.99 -8.00
C VAL B 205 10.25 -7.96 -7.80
N ASN B 206 10.44 -7.10 -8.81
CA ASN B 206 11.48 -6.08 -8.75
C ASN B 206 11.33 -5.15 -9.96
N ALA B 207 11.91 -3.96 -9.88
CA ALA B 207 11.86 -2.99 -10.97
C ALA B 207 12.96 -3.25 -11.99
N VAL B 208 13.82 -4.22 -11.70
CA VAL B 208 14.90 -4.63 -12.60
C VAL B 208 14.78 -6.16 -12.74
N PRO B 209 15.16 -6.71 -13.91
CA PRO B 209 15.08 -8.15 -14.19
C PRO B 209 15.89 -9.08 -13.28
N MET B 210 17.03 -8.61 -12.81
CA MET B 210 17.89 -9.38 -11.91
C MET B 210 18.54 -8.35 -11.00
N ASP B 211 19.06 -8.78 -9.86
CA ASP B 211 19.65 -7.85 -8.92
C ASP B 211 20.70 -8.50 -8.04
N SER B 212 21.39 -7.69 -7.26
CA SER B 212 22.41 -8.18 -6.33
C SER B 212 21.66 -8.77 -5.16
N MET B 213 21.90 -10.05 -4.88
CA MET B 213 21.21 -10.69 -3.77
C MET B 213 21.89 -10.38 -2.45
N VAL B 214 23.08 -9.80 -2.52
CA VAL B 214 23.81 -9.44 -1.32
C VAL B 214 23.34 -8.11 -0.74
N ARG B 215 23.01 -7.13 -1.58
CA ARG B 215 22.56 -5.86 -1.02
C ARG B 215 21.10 -5.49 -1.18
N HIS B 216 20.31 -6.35 -1.82
CA HIS B 216 18.89 -6.05 -1.99
C HIS B 216 18.03 -7.24 -1.60
N ASN B 217 17.25 -7.10 -0.53
CA ASN B 217 16.35 -8.16 -0.10
C ASN B 217 15.01 -7.86 -0.77
N ASN B 218 14.56 -8.77 -1.62
CA ASN B 218 13.33 -8.57 -2.35
C ASN B 218 12.04 -8.81 -1.57
N TRP B 219 12.00 -9.90 -0.80
CA TRP B 219 10.83 -10.23 0.00
C TRP B 219 11.18 -10.32 1.47
N SER B 220 10.18 -10.11 2.31
CA SER B 220 10.35 -10.20 3.75
C SER B 220 9.22 -11.09 4.26
N LEU B 221 9.55 -12.12 5.01
CA LEU B 221 8.55 -13.02 5.57
C LEU B 221 8.28 -12.53 6.99
N VAL B 222 7.05 -12.09 7.24
CA VAL B 222 6.69 -11.59 8.56
C VAL B 222 5.62 -12.47 9.20
N ILE B 223 5.86 -12.90 10.43
CA ILE B 223 4.92 -13.75 11.16
C ILE B 223 4.58 -13.04 12.47
N ILE B 224 3.31 -12.66 12.61
CA ILE B 224 2.85 -11.96 13.81
C ILE B 224 1.71 -12.71 14.48
N PRO B 225 1.89 -13.13 15.74
CA PRO B 225 0.76 -13.82 16.38
C PRO B 225 -0.32 -12.77 16.71
N VAL B 226 -1.44 -12.79 15.98
CA VAL B 226 -2.52 -11.83 16.21
C VAL B 226 -3.48 -12.31 17.30
N CYS B 227 -3.46 -13.61 17.57
CA CYS B 227 -4.27 -14.19 18.62
C CYS B 227 -3.31 -15.02 19.46
N GLN B 228 -3.16 -14.61 20.71
CA GLN B 228 -2.26 -15.22 21.66
C GLN B 228 -2.43 -16.74 21.81
N LEU B 229 -1.29 -17.42 21.91
CA LEU B 229 -1.29 -18.88 22.08
C LEU B 229 -1.80 -19.19 23.48
N GLN B 230 -2.83 -20.02 23.57
CA GLN B 230 -3.38 -20.37 24.87
C GLN B 230 -3.79 -21.85 24.90
N SER B 231 -3.63 -22.46 26.06
CA SER B 231 -4.01 -23.85 26.27
C SER B 231 -3.91 -24.15 27.76
N ASN B 232 -4.26 -25.37 28.16
CA ASN B 232 -4.19 -25.75 29.56
C ASN B 232 -3.03 -26.72 29.75
N ASN B 233 -2.07 -26.68 28.84
CA ASN B 233 -0.90 -27.54 28.88
C ASN B 233 0.26 -26.72 28.36
N ILE B 234 0.50 -25.58 28.99
CA ILE B 234 1.55 -24.65 28.59
C ILE B 234 2.98 -25.18 28.61
N SER B 235 3.25 -26.23 29.38
CA SER B 235 4.60 -26.78 29.43
C SER B 235 5.04 -27.36 28.08
N ASN B 236 4.09 -27.82 27.29
CA ASN B 236 4.40 -28.39 25.98
C ASN B 236 4.79 -27.24 25.04
N ILE B 237 6.04 -27.26 24.59
CA ILE B 237 6.55 -26.21 23.69
C ILE B 237 5.94 -26.32 22.31
N VAL B 238 5.49 -25.19 21.77
CA VAL B 238 4.89 -25.12 20.45
C VAL B 238 5.79 -24.31 19.51
N PRO B 239 6.61 -24.99 18.70
CA PRO B 239 7.52 -24.33 17.77
C PRO B 239 6.88 -23.91 16.46
N ILE B 240 7.59 -23.06 15.74
CA ILE B 240 7.18 -22.57 14.44
C ILE B 240 8.39 -22.85 13.57
N THR B 241 8.20 -23.60 12.50
CA THR B 241 9.31 -23.93 11.62
C THR B 241 9.01 -23.43 10.20
N VAL B 242 10.03 -22.88 9.56
CA VAL B 242 9.89 -22.34 8.21
C VAL B 242 10.78 -23.09 7.24
N SER B 243 10.21 -23.52 6.13
CA SER B 243 10.96 -24.21 5.09
C SER B 243 10.73 -23.39 3.82
N ILE B 244 11.82 -22.97 3.18
CA ILE B 244 11.74 -22.16 1.97
C ILE B 244 12.46 -22.83 0.82
N SER B 245 11.83 -22.83 -0.35
CA SER B 245 12.41 -23.43 -1.53
C SER B 245 12.52 -22.44 -2.66
N PRO B 246 13.75 -22.18 -3.13
CA PRO B 246 13.92 -21.24 -4.24
C PRO B 246 13.26 -21.86 -5.47
N MET B 247 12.84 -21.03 -6.41
CA MET B 247 12.21 -21.52 -7.62
C MET B 247 12.75 -20.76 -8.81
N CYS B 248 13.20 -21.49 -9.83
CA CYS B 248 13.74 -20.89 -11.04
C CYS B 248 14.90 -19.97 -10.72
N ALA B 249 15.73 -20.38 -9.77
CA ALA B 249 16.88 -19.59 -9.40
C ALA B 249 17.87 -19.56 -10.56
N GLU B 250 18.35 -18.38 -10.90
CA GLU B 250 19.34 -18.26 -11.95
C GLU B 250 20.26 -17.10 -11.57
N PHE B 251 21.54 -17.25 -11.89
CA PHE B 251 22.53 -16.26 -11.53
C PHE B 251 23.37 -15.82 -12.72
N SER B 252 23.96 -14.64 -12.60
CA SER B 252 24.75 -14.08 -13.68
C SER B 252 25.89 -13.21 -13.14
N GLY B 253 26.94 -13.03 -13.95
CA GLY B 253 28.08 -12.24 -13.52
C GLY B 253 28.95 -13.00 -12.55
N ALA B 254 29.51 -14.12 -13.00
CA ALA B 254 30.37 -14.95 -12.16
C ALA B 254 31.74 -14.34 -11.95
N ARG B 255 32.28 -14.52 -10.75
CA ARG B 255 33.58 -13.99 -10.37
C ARG B 255 33.98 -14.71 -9.09
N ALA B 256 34.82 -14.08 -8.27
CA ALA B 256 35.25 -14.68 -7.01
C ALA B 256 34.09 -14.58 -6.02
N LYS B 257 34.21 -15.28 -4.89
CA LYS B 257 33.15 -15.26 -3.90
C LYS B 257 33.16 -14.00 -3.03
N THR B 258 32.00 -13.35 -2.94
CA THR B 258 31.88 -12.15 -2.14
C THR B 258 31.86 -12.56 -0.66
N VAL B 259 32.69 -11.90 0.14
CA VAL B 259 32.74 -12.18 1.57
C VAL B 259 32.22 -10.93 2.27
N VAL B 260 31.12 -11.07 3.00
CA VAL B 260 30.53 -9.93 3.69
C VAL B 260 30.97 -9.72 5.13
N GLN B 261 31.18 -8.44 5.46
CA GLN B 261 31.57 -7.91 6.77
C GLN B 261 33.00 -7.39 6.80
N GLY C 1 -3.21 37.16 -39.58
CA GLY C 1 -3.32 35.90 -38.81
C GLY C 1 -4.77 35.58 -38.54
N LEU C 2 -5.02 34.40 -38.00
CA LEU C 2 -6.38 33.98 -37.67
C LEU C 2 -6.91 34.78 -36.50
N PRO C 3 -8.04 35.48 -36.68
CA PRO C 3 -8.57 36.24 -35.54
C PRO C 3 -8.98 35.29 -34.41
N VAL C 4 -8.59 35.61 -33.19
CA VAL C 4 -8.94 34.80 -32.04
C VAL C 4 -9.58 35.64 -30.93
N TYR C 5 -10.30 34.96 -30.03
CA TYR C 5 -10.97 35.59 -28.91
C TYR C 5 -10.48 34.88 -27.66
N VAL C 6 -9.66 35.55 -26.85
CA VAL C 6 -9.13 34.95 -25.63
C VAL C 6 -10.26 34.84 -24.62
N THR C 7 -10.56 33.61 -24.22
CA THR C 7 -11.64 33.33 -23.28
C THR C 7 -11.25 33.37 -21.81
N PRO C 8 -12.23 33.69 -20.94
CA PRO C 8 -11.95 33.74 -19.50
C PRO C 8 -11.42 32.36 -19.11
N GLY C 9 -10.43 32.34 -18.22
CA GLY C 9 -9.84 31.09 -17.81
C GLY C 9 -8.45 30.98 -18.37
N SER C 10 -8.19 31.68 -19.46
CA SER C 10 -6.88 31.66 -20.09
C SER C 10 -5.80 32.07 -19.11
N GLY C 11 -4.63 31.44 -19.22
CA GLY C 11 -3.50 31.75 -18.36
C GLY C 11 -3.55 31.24 -16.94
N GLN C 12 -4.71 30.74 -16.51
CA GLN C 12 -4.84 30.24 -15.16
C GLN C 12 -4.22 28.85 -15.06
N PHE C 13 -3.93 28.43 -13.84
CA PHE C 13 -3.37 27.11 -13.60
C PHE C 13 -4.36 26.42 -12.67
N MET C 14 -5.03 25.40 -13.18
CA MET C 14 -5.98 24.64 -12.38
C MET C 14 -5.32 23.30 -12.15
N THR C 15 -5.09 22.94 -10.90
CA THR C 15 -4.40 21.69 -10.58
C THR C 15 -5.02 20.44 -11.18
N THR C 16 -6.27 20.52 -11.61
CA THR C 16 -6.93 19.36 -12.21
C THR C 16 -7.15 19.51 -13.71
N ASP C 17 -6.48 20.48 -14.33
CA ASP C 17 -6.64 20.65 -15.78
C ASP C 17 -5.97 19.48 -16.50
N ASP C 18 -6.27 19.33 -17.78
CA ASP C 18 -5.72 18.25 -18.58
C ASP C 18 -5.26 18.82 -19.90
N MET C 19 -4.05 19.38 -19.92
CA MET C 19 -3.50 19.97 -21.11
C MET C 19 -2.20 19.28 -21.49
N GLN C 20 -1.67 19.68 -22.64
CA GLN C 20 -0.42 19.14 -23.13
C GLN C 20 0.62 20.21 -22.90
N SER C 21 1.89 19.82 -22.87
CA SER C 21 2.96 20.77 -22.65
C SER C 21 4.22 20.22 -23.31
N PRO C 22 5.11 21.10 -23.77
CA PRO C 22 6.34 20.63 -24.40
C PRO C 22 7.19 19.78 -23.45
N CYS C 23 7.94 18.85 -24.03
CA CYS C 23 8.81 17.96 -23.27
C CYS C 23 10.20 18.57 -23.11
N ALA C 24 10.67 18.67 -21.87
CA ALA C 24 11.98 19.26 -21.60
C ALA C 24 13.13 18.41 -22.13
N LEU C 25 12.89 17.13 -22.30
CA LEU C 25 13.93 16.22 -22.80
C LEU C 25 13.57 15.60 -24.14
N PRO C 26 13.69 16.37 -25.22
CA PRO C 26 13.35 15.84 -26.55
C PRO C 26 14.31 14.71 -26.94
N TRP C 27 13.81 13.79 -27.76
CA TRP C 27 14.58 12.65 -28.26
C TRP C 27 14.87 11.57 -27.21
N TYR C 28 14.64 11.88 -25.94
CA TYR C 28 14.88 10.91 -24.87
C TYR C 28 14.00 9.68 -25.01
N HIS C 29 14.60 8.49 -24.89
CA HIS C 29 13.88 7.24 -24.99
C HIS C 29 13.84 6.53 -23.64
N PRO C 30 12.65 6.44 -23.02
CA PRO C 30 12.47 5.79 -21.72
C PRO C 30 12.91 4.35 -21.64
N THR C 31 13.29 3.93 -20.44
CA THR C 31 13.71 2.57 -20.21
C THR C 31 12.59 1.60 -20.54
N LYS C 32 12.98 0.50 -21.16
CA LYS C 32 12.07 -0.55 -21.56
C LYS C 32 11.24 -1.06 -20.38
N GLU C 33 9.95 -1.25 -20.62
CA GLU C 33 9.04 -1.73 -19.58
C GLU C 33 9.18 -3.25 -19.45
N ILE C 34 9.33 -3.76 -18.23
CA ILE C 34 9.43 -5.21 -18.05
C ILE C 34 8.19 -5.65 -17.30
N PHE C 35 7.94 -6.94 -17.28
CA PHE C 35 6.78 -7.44 -16.57
C PHE C 35 7.06 -7.48 -15.07
N ILE C 36 6.15 -6.87 -14.32
CA ILE C 36 6.26 -6.86 -12.87
C ILE C 36 4.91 -7.36 -12.36
N PRO C 37 4.91 -8.42 -11.54
CA PRO C 37 3.65 -8.93 -11.01
C PRO C 37 2.96 -7.92 -10.09
N GLY C 38 1.64 -8.02 -9.99
CA GLY C 38 0.89 -7.15 -9.11
C GLY C 38 0.45 -5.77 -9.58
N GLU C 39 0.29 -5.58 -10.89
CA GLU C 39 -0.14 -4.28 -11.39
C GLU C 39 -1.54 -3.94 -10.91
N VAL C 40 -1.72 -2.68 -10.49
CA VAL C 40 -3.03 -2.20 -10.04
C VAL C 40 -3.47 -1.16 -11.05
N LYS C 41 -4.72 -1.25 -11.50
CA LYS C 41 -5.21 -0.30 -12.48
C LYS C 41 -6.32 0.59 -11.93
N ASN C 42 -6.97 0.13 -10.87
CA ASN C 42 -8.07 0.89 -10.27
C ASN C 42 -8.09 0.65 -8.76
N LEU C 43 -8.33 1.71 -7.99
CA LEU C 43 -8.35 1.59 -6.53
C LEU C 43 -9.41 0.63 -6.03
N ILE C 44 -10.42 0.35 -6.85
CA ILE C 44 -11.48 -0.58 -6.44
C ILE C 44 -10.88 -1.94 -6.13
N GLU C 45 -9.78 -2.26 -6.81
CA GLU C 45 -9.10 -3.54 -6.59
C GLU C 45 -8.62 -3.66 -5.16
N MET C 46 -8.25 -2.54 -4.55
CA MET C 46 -7.78 -2.54 -3.19
C MET C 46 -8.93 -2.54 -2.20
N CYS C 47 -10.08 -2.00 -2.62
CA CYS C 47 -11.25 -1.94 -1.76
C CYS C 47 -11.96 -3.29 -1.65
N GLN C 48 -11.62 -4.22 -2.52
CA GLN C 48 -12.24 -5.54 -2.52
C GLN C 48 -11.46 -6.56 -1.72
N VAL C 49 -10.40 -6.11 -1.05
CA VAL C 49 -9.55 -6.99 -0.25
C VAL C 49 -9.80 -6.76 1.23
N ASP C 50 -10.03 -7.84 1.97
CA ASP C 50 -10.28 -7.76 3.40
C ASP C 50 -9.09 -7.24 4.19
N THR C 51 -9.35 -6.35 5.15
CA THR C 51 -8.30 -5.85 6.03
C THR C 51 -8.95 -5.86 7.41
N LEU C 52 -8.13 -5.94 8.45
CA LEU C 52 -8.64 -5.99 9.82
C LEU C 52 -9.15 -4.68 10.37
N ILE C 53 -10.24 -4.76 11.13
CA ILE C 53 -10.84 -3.59 11.76
C ILE C 53 -10.30 -3.47 13.19
N PRO C 54 -9.71 -2.32 13.55
CA PRO C 54 -9.19 -2.14 14.92
C PRO C 54 -10.42 -1.86 15.78
N ILE C 55 -11.29 -2.85 15.87
CA ILE C 55 -12.55 -2.74 16.59
C ILE C 55 -12.42 -2.55 18.12
N ASN C 56 -11.39 -3.12 18.70
CA ASN C 56 -11.17 -3.01 20.14
C ASN C 56 -10.14 -1.91 20.42
N SER C 57 -10.27 -0.79 19.72
CA SER C 57 -9.33 0.31 19.89
C SER C 57 -9.64 1.24 21.07
N THR C 58 -9.67 0.68 22.28
CA THR C 58 -9.89 1.47 23.48
C THR C 58 -8.51 2.07 23.73
N GLN C 59 -8.45 3.20 24.43
CA GLN C 59 -7.16 3.85 24.68
C GLN C 59 -6.06 2.92 25.17
N SER C 60 -6.41 1.98 26.03
CA SER C 60 -5.43 1.04 26.57
C SER C 60 -4.95 0.00 25.56
N ASN C 61 -5.78 -0.30 24.56
CA ASN C 61 -5.40 -1.31 23.57
C ASN C 61 -4.66 -0.75 22.37
N ILE C 62 -4.86 0.53 22.07
CA ILE C 62 -4.19 1.14 20.93
C ILE C 62 -2.68 1.02 21.11
N GLY C 63 -2.00 0.52 20.07
CA GLY C 63 -0.56 0.34 20.14
C GLY C 63 -0.25 -1.11 20.46
N ASN C 64 -1.29 -1.94 20.39
CA ASN C 64 -1.18 -3.35 20.69
C ASN C 64 -1.99 -4.14 19.67
N VAL C 65 -1.55 -5.36 19.35
CA VAL C 65 -2.30 -6.15 18.38
C VAL C 65 -3.69 -6.48 18.93
N SER C 66 -3.84 -6.43 20.25
CA SER C 66 -5.11 -6.73 20.88
C SER C 66 -6.22 -5.76 20.46
N MET C 67 -5.84 -4.63 19.86
CA MET C 67 -6.86 -3.68 19.44
C MET C 67 -7.63 -4.26 18.26
N TYR C 68 -7.14 -5.37 17.72
CA TYR C 68 -7.78 -6.01 16.57
C TYR C 68 -8.61 -7.24 16.95
N THR C 69 -8.68 -7.57 18.23
CA THR C 69 -9.45 -8.75 18.64
C THR C 69 -10.58 -8.46 19.61
N VAL C 70 -11.63 -9.27 19.53
CA VAL C 70 -12.78 -9.15 20.42
C VAL C 70 -12.77 -10.45 21.21
N THR C 71 -12.86 -10.35 22.53
CA THR C 71 -12.83 -11.54 23.36
C THR C 71 -14.23 -12.06 23.69
N LEU C 72 -14.37 -13.38 23.57
CA LEU C 72 -15.63 -14.06 23.83
C LEU C 72 -15.42 -15.00 25.02
N SER C 73 -16.48 -15.27 25.76
CA SER C 73 -16.38 -16.14 26.94
C SER C 73 -17.75 -16.64 27.38
N PRO C 74 -17.79 -17.67 28.22
CA PRO C 74 -19.06 -18.21 28.70
C PRO C 74 -19.84 -17.10 29.40
N GLN C 75 -21.11 -16.98 29.05
CA GLN C 75 -21.95 -15.94 29.66
C GLN C 75 -22.84 -16.53 30.74
N THR C 76 -23.25 -15.68 31.68
CA THR C 76 -24.13 -16.11 32.75
C THR C 76 -25.51 -15.51 32.48
N LYS C 77 -25.53 -14.46 31.67
CA LYS C 77 -26.79 -13.81 31.27
C LYS C 77 -26.96 -14.11 29.79
N LEU C 78 -28.19 -14.36 29.36
CA LEU C 78 -28.46 -14.67 27.97
C LEU C 78 -28.56 -13.43 27.07
N ALA C 79 -28.30 -13.63 25.79
CA ALA C 79 -28.38 -12.59 24.76
C ALA C 79 -27.60 -11.30 25.01
N GLU C 80 -26.41 -11.44 25.57
CA GLU C 80 -25.56 -10.29 25.86
C GLU C 80 -24.96 -9.67 24.60
N GLU C 81 -24.76 -8.36 24.64
CA GLU C 81 -24.17 -7.63 23.52
C GLU C 81 -22.67 -7.87 23.53
N ILE C 82 -22.08 -8.06 22.34
CA ILE C 82 -20.64 -8.30 22.24
C ILE C 82 -19.92 -7.03 21.76
N PHE C 83 -20.43 -6.42 20.70
CA PHE C 83 -19.85 -5.19 20.18
C PHE C 83 -20.86 -4.41 19.35
N ALA C 84 -20.55 -3.16 19.07
CA ALA C 84 -21.42 -2.30 18.29
C ALA C 84 -20.59 -1.20 17.65
N ILE C 85 -20.76 -0.99 16.35
CA ILE C 85 -20.03 0.07 15.65
C ILE C 85 -20.92 0.66 14.57
N LYS C 86 -20.52 1.83 14.05
CA LYS C 86 -21.27 2.48 13.00
C LYS C 86 -20.82 1.86 11.69
N VAL C 87 -21.73 1.85 10.72
CA VAL C 87 -21.44 1.26 9.42
C VAL C 87 -20.75 2.27 8.50
N ASP C 88 -20.84 3.54 8.83
CA ASP C 88 -20.22 4.59 8.03
C ASP C 88 -18.76 4.27 7.72
N ILE C 89 -18.52 4.07 6.43
CA ILE C 89 -17.20 3.69 5.91
C ILE C 89 -15.99 4.46 6.42
N ALA C 90 -16.13 5.75 6.70
CA ALA C 90 -14.99 6.53 7.18
C ALA C 90 -15.10 6.94 8.64
N SER C 91 -15.99 6.31 9.38
CA SER C 91 -16.14 6.62 10.80
C SER C 91 -15.20 5.69 11.57
N HIS C 92 -14.99 5.97 12.85
CA HIS C 92 -14.12 5.11 13.64
C HIS C 92 -14.97 4.03 14.28
N PRO C 93 -14.46 2.79 14.39
CA PRO C 93 -13.12 2.31 14.01
C PRO C 93 -12.87 1.85 12.57
N LEU C 94 -13.76 2.14 11.63
CA LEU C 94 -13.54 1.70 10.25
C LEU C 94 -12.51 2.55 9.49
N ALA C 95 -12.35 3.80 9.91
CA ALA C 95 -11.45 4.75 9.28
C ALA C 95 -10.07 4.26 8.82
N THR C 96 -9.30 3.62 9.70
CA THR C 96 -7.95 3.19 9.30
C THR C 96 -7.81 1.87 8.54
N THR C 97 -8.94 1.23 8.22
CA THR C 97 -8.89 0.01 7.44
C THR C 97 -8.57 0.47 6.01
N LEU C 98 -8.05 -0.42 5.17
CA LEU C 98 -7.71 -0.01 3.81
C LEU C 98 -8.88 0.65 3.08
N ILE C 99 -10.08 0.08 3.20
CA ILE C 99 -11.23 0.66 2.53
C ILE C 99 -11.60 2.01 3.13
N GLY C 100 -11.43 2.16 4.45
CA GLY C 100 -11.74 3.42 5.09
C GLY C 100 -10.75 4.49 4.66
N GLU C 101 -9.48 4.11 4.58
CA GLU C 101 -8.43 5.03 4.18
C GLU C 101 -8.64 5.52 2.74
N ILE C 102 -9.00 4.62 1.84
CA ILE C 102 -9.22 4.99 0.46
C ILE C 102 -10.50 5.84 0.34
N ALA C 103 -11.52 5.48 1.10
CA ALA C 103 -12.77 6.23 1.07
C ALA C 103 -12.51 7.67 1.53
N SER C 104 -11.52 7.85 2.38
CA SER C 104 -11.20 9.17 2.90
C SER C 104 -10.53 10.06 1.85
N TYR C 105 -10.25 9.50 0.68
CA TYR C 105 -9.64 10.25 -0.41
C TYR C 105 -10.75 10.64 -1.39
N PHE C 106 -11.99 10.36 -0.99
CA PHE C 106 -13.15 10.67 -1.82
C PHE C 106 -14.23 11.32 -0.96
N THR C 107 -15.18 11.99 -1.60
CA THR C 107 -16.25 12.68 -0.89
C THR C 107 -17.55 11.89 -0.77
N HIS C 108 -17.86 11.06 -1.76
CA HIS C 108 -19.08 10.25 -1.77
C HIS C 108 -18.80 8.78 -1.86
N TRP C 109 -19.71 7.97 -1.30
CA TRP C 109 -19.59 6.53 -1.39
C TRP C 109 -20.95 5.91 -1.61
N THR C 110 -20.96 4.67 -2.08
CA THR C 110 -22.19 3.94 -2.33
C THR C 110 -21.82 2.47 -2.40
N GLY C 111 -22.82 1.61 -2.31
CA GLY C 111 -22.54 0.18 -2.38
C GLY C 111 -22.70 -0.56 -1.07
N SER C 112 -22.54 -1.87 -1.16
CA SER C 112 -22.67 -2.74 0.00
C SER C 112 -21.33 -3.12 0.58
N LEU C 113 -21.29 -3.25 1.90
CA LEU C 113 -20.07 -3.61 2.61
C LEU C 113 -20.13 -5.06 3.05
N ARG C 114 -18.98 -5.70 3.08
CA ARG C 114 -18.87 -7.09 3.48
C ARG C 114 -18.03 -7.16 4.74
N PHE C 115 -18.65 -7.62 5.83
CA PHE C 115 -17.96 -7.74 7.11
C PHE C 115 -17.76 -9.23 7.38
N SER C 116 -16.53 -9.63 7.65
CA SER C 116 -16.26 -11.02 7.93
C SER C 116 -15.68 -11.17 9.33
N PHE C 117 -15.92 -12.32 9.94
CA PHE C 117 -15.43 -12.58 11.27
C PHE C 117 -14.83 -13.97 11.35
N MET C 118 -13.64 -14.08 11.92
CA MET C 118 -12.98 -15.36 12.05
C MET C 118 -12.82 -15.72 13.53
N PHE C 119 -13.33 -16.87 13.92
CA PHE C 119 -13.25 -17.34 15.30
C PHE C 119 -11.87 -17.97 15.53
N CYS C 120 -11.23 -17.60 16.62
CA CYS C 120 -9.90 -18.12 16.93
C CYS C 120 -9.79 -19.01 18.17
N GLY C 121 -10.92 -19.52 18.64
CA GLY C 121 -10.87 -20.39 19.81
C GLY C 121 -10.38 -21.76 19.41
N THR C 122 -10.36 -22.71 20.34
CA THR C 122 -9.91 -24.05 20.04
C THR C 122 -10.90 -24.75 19.11
N ALA C 123 -10.48 -25.87 18.54
CA ALA C 123 -11.33 -26.63 17.64
C ALA C 123 -12.50 -27.25 18.42
N ASN C 124 -12.37 -27.30 19.74
CA ASN C 124 -13.41 -27.89 20.59
C ASN C 124 -14.35 -26.86 21.20
N THR C 125 -14.15 -25.59 20.85
CA THR C 125 -14.99 -24.51 21.37
C THR C 125 -16.15 -24.23 20.41
N THR C 126 -17.37 -24.24 20.92
CA THR C 126 -18.54 -23.97 20.08
C THR C 126 -19.17 -22.63 20.43
N LEU C 127 -19.97 -22.10 19.51
CA LEU C 127 -20.61 -20.80 19.72
C LEU C 127 -21.55 -20.44 18.58
N LYS C 128 -22.65 -19.76 18.91
CA LYS C 128 -23.61 -19.28 17.92
C LYS C 128 -23.80 -17.81 18.26
N VAL C 129 -23.57 -16.95 17.28
CA VAL C 129 -23.65 -15.52 17.47
C VAL C 129 -24.60 -14.90 16.44
N LEU C 130 -25.24 -13.78 16.78
CA LEU C 130 -26.13 -13.10 15.87
C LEU C 130 -25.52 -11.77 15.51
N LEU C 131 -25.25 -11.57 14.21
CA LEU C 131 -24.68 -10.32 13.72
C LEU C 131 -25.80 -9.58 13.01
N ALA C 132 -26.05 -8.34 13.40
CA ALA C 132 -27.13 -7.58 12.80
C ALA C 132 -26.79 -6.19 12.28
N TYR C 133 -27.48 -5.79 11.22
CA TYR C 133 -27.30 -4.48 10.64
C TYR C 133 -28.63 -3.74 10.82
N THR C 134 -28.56 -2.58 11.44
CA THR C 134 -29.74 -1.77 11.69
C THR C 134 -29.75 -0.56 10.77
N PRO C 135 -30.69 -0.53 9.81
CA PRO C 135 -30.78 0.60 8.89
C PRO C 135 -31.03 1.88 9.68
N PRO C 136 -30.69 3.03 9.11
CA PRO C 136 -30.88 4.31 9.81
C PRO C 136 -32.34 4.67 10.13
N GLY C 137 -32.53 5.79 10.80
CA GLY C 137 -33.87 6.24 11.17
C GLY C 137 -34.30 5.70 12.52
N ILE C 138 -33.35 5.16 13.27
CA ILE C 138 -33.63 4.59 14.59
C ILE C 138 -32.29 4.48 15.35
N GLY C 139 -32.35 4.43 16.67
CA GLY C 139 -31.12 4.33 17.45
C GLY C 139 -30.55 2.94 17.36
N LYS C 140 -29.34 2.72 17.89
CA LYS C 140 -28.79 1.38 17.84
C LYS C 140 -29.67 0.52 18.74
N PRO C 141 -29.88 -0.75 18.37
CA PRO C 141 -30.72 -1.65 19.16
C PRO C 141 -30.20 -1.82 20.59
N ARG C 142 -31.12 -1.88 21.53
CA ARG C 142 -30.77 -2.02 22.94
C ARG C 142 -30.77 -3.49 23.36
N SER C 143 -31.34 -4.35 22.53
CA SER C 143 -31.40 -5.76 22.85
C SER C 143 -31.30 -6.63 21.61
N ARG C 144 -31.06 -7.91 21.81
CA ARG C 144 -30.96 -8.84 20.70
C ARG C 144 -32.28 -8.85 19.93
N LYS C 145 -33.40 -8.83 20.65
CA LYS C 145 -34.69 -8.85 19.98
C LYS C 145 -34.84 -7.65 19.06
N GLU C 146 -34.38 -6.50 19.52
CA GLU C 146 -34.46 -5.27 18.73
C GLU C 146 -33.57 -5.34 17.49
N ALA C 147 -32.36 -5.83 17.66
CA ALA C 147 -31.39 -5.94 16.57
C ALA C 147 -31.86 -6.97 15.54
N MET C 148 -32.33 -8.10 16.06
CA MET C 148 -32.80 -9.23 15.26
C MET C 148 -33.87 -8.84 14.23
N LEU C 149 -34.63 -7.78 14.49
CA LEU C 149 -35.69 -7.34 13.58
C LEU C 149 -35.15 -6.74 12.28
N GLY C 150 -33.85 -6.44 12.26
CA GLY C 150 -33.24 -5.87 11.07
C GLY C 150 -32.51 -6.93 10.26
N THR C 151 -31.59 -6.52 9.40
CA THR C 151 -30.83 -7.47 8.58
C THR C 151 -29.87 -8.21 9.51
N HIS C 152 -29.80 -9.53 9.40
CA HIS C 152 -28.90 -10.27 10.26
C HIS C 152 -28.53 -11.66 9.81
N VAL C 153 -27.43 -12.15 10.38
CA VAL C 153 -26.92 -13.48 10.09
C VAL C 153 -26.66 -14.19 11.41
N VAL C 154 -27.09 -15.45 11.52
CA VAL C 154 -26.83 -16.23 12.72
C VAL C 154 -25.64 -17.10 12.32
N TRP C 155 -24.52 -16.85 12.98
CA TRP C 155 -23.27 -17.54 12.73
C TRP C 155 -23.06 -18.73 13.66
N ASP C 156 -22.89 -19.91 13.07
CA ASP C 156 -22.64 -21.12 13.87
C ASP C 156 -21.16 -21.45 13.68
N VAL C 157 -20.41 -21.43 14.76
CA VAL C 157 -18.98 -21.71 14.68
C VAL C 157 -18.77 -23.22 14.50
N GLY C 158 -17.94 -23.57 13.53
CA GLY C 158 -17.67 -24.97 13.25
C GLY C 158 -16.39 -25.14 12.44
N LEU C 159 -16.36 -26.16 11.58
CA LEU C 159 -15.18 -26.41 10.75
C LEU C 159 -14.71 -25.18 9.99
N GLN C 160 -15.65 -24.45 9.41
CA GLN C 160 -15.31 -23.23 8.69
C GLN C 160 -15.34 -22.11 9.70
N SER C 161 -14.16 -21.56 9.94
CA SER C 161 -13.92 -20.50 10.90
C SER C 161 -14.50 -19.12 10.62
N THR C 162 -14.73 -18.81 9.36
CA THR C 162 -15.20 -17.48 8.99
C THR C 162 -16.63 -17.34 8.46
N VAL C 163 -17.27 -16.23 8.82
CA VAL C 163 -18.62 -15.93 8.36
C VAL C 163 -18.62 -14.51 7.80
N SER C 164 -19.57 -14.22 6.92
CA SER C 164 -19.67 -12.90 6.31
C SER C 164 -21.07 -12.34 6.43
N LEU C 165 -21.15 -11.07 6.84
CA LEU C 165 -22.43 -10.38 6.95
C LEU C 165 -22.33 -9.28 5.92
N VAL C 166 -23.34 -9.14 5.08
CA VAL C 166 -23.32 -8.11 4.06
C VAL C 166 -24.25 -6.98 4.48
N VAL C 167 -23.73 -5.75 4.50
CA VAL C 167 -24.54 -4.59 4.83
C VAL C 167 -24.98 -4.06 3.48
N PRO C 168 -26.24 -4.30 3.11
CA PRO C 168 -26.82 -3.88 1.83
C PRO C 168 -26.92 -2.38 1.75
N TRP C 169 -26.86 -1.85 0.54
CA TRP C 169 -26.99 -0.43 0.37
C TRP C 169 -28.47 -0.07 0.53
N ILE C 170 -28.82 0.45 1.70
CA ILE C 170 -30.20 0.85 1.96
C ILE C 170 -30.08 2.33 2.28
N SER C 171 -30.39 3.15 1.30
CA SER C 171 -30.29 4.59 1.43
C SER C 171 -31.36 5.30 0.62
N ALA C 172 -31.66 6.54 1.00
CA ALA C 172 -32.64 7.33 0.29
C ALA C 172 -31.94 7.85 -0.96
N SER C 173 -30.76 8.43 -0.76
CA SER C 173 -29.96 8.97 -1.86
C SER C 173 -29.05 7.87 -2.42
N GLN C 174 -28.67 8.03 -3.70
CA GLN C 174 -27.81 7.06 -4.35
C GLN C 174 -26.41 7.03 -3.76
N TYR C 175 -25.99 8.13 -3.16
CA TYR C 175 -24.68 8.24 -2.52
C TYR C 175 -24.83 8.83 -1.14
N ARG C 176 -23.77 8.68 -0.34
CA ARG C 176 -23.73 9.23 1.01
C ARG C 176 -22.39 9.94 1.11
N PHE C 177 -22.27 10.84 2.07
CA PHE C 177 -21.00 11.54 2.25
C PHE C 177 -20.08 10.62 3.01
N THR C 178 -18.80 10.64 2.68
CA THR C 178 -17.84 9.78 3.37
C THR C 178 -17.59 10.36 4.76
N THR C 179 -17.61 11.68 4.85
CA THR C 179 -17.41 12.34 6.11
C THR C 179 -18.69 12.27 6.92
N PRO C 180 -18.58 12.17 8.26
CA PRO C 180 -19.75 12.11 9.14
C PRO C 180 -20.76 13.22 8.84
N ASP C 181 -21.94 12.80 8.39
CA ASP C 181 -23.02 13.71 8.06
C ASP C 181 -24.32 13.07 8.56
N THR C 182 -25.05 13.82 9.38
CA THR C 182 -26.30 13.33 9.95
C THR C 182 -27.25 12.75 8.89
N TYR C 183 -27.49 13.52 7.84
CA TYR C 183 -28.38 13.10 6.76
C TYR C 183 -27.93 11.78 6.11
N SER C 184 -26.62 11.56 6.02
CA SER C 184 -26.18 10.32 5.38
C SER C 184 -25.57 9.23 6.28
N SER C 185 -25.88 9.24 7.59
CA SER C 185 -25.37 8.20 8.48
C SER C 185 -26.03 6.88 8.05
N ALA C 186 -25.22 5.85 7.83
CA ALA C 186 -25.72 4.57 7.33
C ALA C 186 -26.25 3.52 8.30
N GLY C 187 -26.15 3.73 9.60
CA GLY C 187 -26.67 2.73 10.51
C GLY C 187 -25.63 2.05 11.38
N TYR C 188 -26.05 0.96 12.04
CA TYR C 188 -25.17 0.22 12.93
C TYR C 188 -25.08 -1.27 12.69
N ILE C 189 -24.02 -1.87 13.24
CA ILE C 189 -23.81 -3.30 13.19
C ILE C 189 -23.56 -3.69 14.63
N THR C 190 -24.36 -4.62 15.13
CA THR C 190 -24.20 -5.08 16.50
C THR C 190 -24.03 -6.60 16.48
N CYS C 191 -23.43 -7.13 17.53
CA CYS C 191 -23.18 -8.55 17.64
C CYS C 191 -23.69 -9.03 18.99
N TRP C 192 -24.47 -10.11 18.98
CA TRP C 192 -25.04 -10.66 20.21
C TRP C 192 -24.85 -12.16 20.35
N TYR C 193 -24.92 -12.66 21.58
CA TYR C 193 -24.78 -14.08 21.81
C TYR C 193 -26.12 -14.70 21.43
N GLN C 194 -26.10 -15.65 20.50
CA GLN C 194 -27.34 -16.33 20.07
C GLN C 194 -27.60 -17.43 21.10
N THR C 195 -26.57 -18.21 21.38
CA THR C 195 -26.66 -19.26 22.40
C THR C 195 -25.62 -18.88 23.44
N ASN C 196 -24.47 -19.56 23.42
CA ASN C 196 -23.41 -19.27 24.37
C ASN C 196 -22.10 -19.88 23.92
N PHE C 197 -21.01 -19.39 24.51
CA PHE C 197 -19.67 -19.87 24.25
C PHE C 197 -19.61 -21.11 25.15
N VAL C 198 -19.37 -22.28 24.55
CA VAL C 198 -19.30 -23.52 25.33
C VAL C 198 -18.00 -24.27 25.06
N VAL C 199 -17.38 -24.78 26.12
CA VAL C 199 -16.13 -25.53 25.99
C VAL C 199 -16.13 -26.75 26.90
N PRO C 200 -15.32 -27.76 26.57
CA PRO C 200 -15.24 -28.96 27.40
C PRO C 200 -14.31 -28.60 28.55
N PRO C 201 -14.13 -29.51 29.52
CA PRO C 201 -13.21 -29.15 30.60
C PRO C 201 -11.76 -29.07 30.05
N ASN C 202 -10.88 -28.39 30.79
CA ASN C 202 -9.47 -28.25 30.40
C ASN C 202 -9.23 -27.51 29.09
N THR C 203 -10.11 -26.56 28.80
CA THR C 203 -10.03 -25.77 27.58
C THR C 203 -10.12 -24.30 27.96
N PRO C 204 -9.25 -23.44 27.38
CA PRO C 204 -9.31 -22.01 27.71
C PRO C 204 -10.74 -21.47 27.71
N ASN C 205 -11.06 -20.68 28.73
CA ASN C 205 -12.39 -20.13 28.89
C ASN C 205 -12.69 -18.81 28.20
N THR C 206 -11.80 -18.40 27.31
CA THR C 206 -12.00 -17.20 26.52
C THR C 206 -11.37 -17.51 25.18
N ALA C 207 -11.77 -16.75 24.16
CA ALA C 207 -11.23 -16.93 22.83
C ALA C 207 -11.37 -15.60 22.12
N GLU C 208 -10.56 -15.41 21.08
CA GLU C 208 -10.59 -14.17 20.32
C GLU C 208 -11.31 -14.34 19.00
N MET C 209 -11.66 -13.20 18.42
CA MET C 209 -12.36 -13.15 17.16
C MET C 209 -11.73 -11.99 16.36
N LEU C 210 -11.51 -12.20 15.06
CA LEU C 210 -10.95 -11.16 14.22
C LEU C 210 -12.05 -10.64 13.31
N CYS C 211 -12.03 -9.34 13.01
CA CYS C 211 -13.04 -8.72 12.17
C CYS C 211 -12.45 -8.08 10.91
N PHE C 212 -13.03 -8.41 9.77
CA PHE C 212 -12.57 -7.89 8.48
C PHE C 212 -13.66 -7.09 7.78
N VAL C 213 -13.24 -6.28 6.81
CA VAL C 213 -14.17 -5.48 6.03
C VAL C 213 -13.61 -5.27 4.62
N SER C 214 -14.51 -5.25 3.65
CA SER C 214 -14.16 -5.01 2.24
C SER C 214 -15.43 -4.59 1.53
N GLY C 215 -15.31 -4.17 0.28
CA GLY C 215 -16.48 -3.72 -0.46
C GLY C 215 -17.04 -4.76 -1.41
N CYS C 216 -18.35 -4.73 -1.63
CA CYS C 216 -18.99 -5.68 -2.52
C CYS C 216 -18.87 -5.20 -3.96
N LYS C 217 -19.41 -5.99 -4.89
CA LYS C 217 -19.36 -5.68 -6.30
C LYS C 217 -19.92 -4.31 -6.69
N ASP C 218 -20.75 -3.74 -5.83
CA ASP C 218 -21.35 -2.45 -6.12
C ASP C 218 -20.72 -1.26 -5.40
N PHE C 219 -19.66 -1.50 -4.63
CA PHE C 219 -19.00 -0.42 -3.91
C PHE C 219 -18.38 0.56 -4.90
N CYS C 220 -18.53 1.85 -4.62
CA CYS C 220 -18.00 2.87 -5.50
C CYS C 220 -17.77 4.19 -4.77
N LEU C 221 -16.63 4.83 -5.05
CA LEU C 221 -16.27 6.11 -4.43
C LEU C 221 -16.31 7.20 -5.49
N ARG C 222 -16.55 8.44 -5.06
CA ARG C 222 -16.68 9.54 -6.00
C ARG C 222 -16.19 10.89 -5.43
N MET C 223 -15.77 11.79 -6.33
CA MET C 223 -15.26 13.13 -6.00
C MET C 223 -14.00 13.11 -5.11
N ALA C 224 -12.84 13.01 -5.76
CA ALA C 224 -11.55 12.97 -5.08
C ALA C 224 -11.30 14.19 -4.19
N ARG C 225 -10.77 13.92 -3.00
CA ARG C 225 -10.46 14.96 -2.04
C ARG C 225 -9.25 14.55 -1.22
N ASP C 226 -8.62 15.50 -0.55
CA ASP C 226 -7.46 15.18 0.25
C ASP C 226 -7.98 14.54 1.54
N THR C 227 -7.19 13.61 2.07
CA THR C 227 -7.56 12.89 3.27
C THR C 227 -7.33 13.69 4.55
N ASP C 228 -8.14 13.38 5.55
CA ASP C 228 -8.04 14.03 6.85
C ASP C 228 -7.48 13.01 7.85
N LEU C 229 -7.04 11.85 7.35
CA LEU C 229 -6.50 10.81 8.20
C LEU C 229 -4.97 10.84 8.28
N HIS C 230 -4.38 11.89 7.73
CA HIS C 230 -2.93 12.07 7.76
C HIS C 230 -2.60 13.54 7.61
N LYS C 231 -1.62 14.02 8.36
CA LYS C 231 -1.24 15.43 8.31
C LYS C 231 0.27 15.64 8.29
N GLN C 232 0.66 16.88 8.06
CA GLN C 232 2.06 17.28 8.06
C GLN C 232 2.10 18.53 8.92
N THR C 233 2.73 18.43 10.09
CA THR C 233 2.79 19.57 10.99
C THR C 233 4.12 20.30 10.93
N GLY C 234 4.98 19.89 10.00
CA GLY C 234 6.27 20.53 9.86
C GLY C 234 6.98 20.10 8.60
N PRO C 235 8.18 20.65 8.33
CA PRO C 235 8.91 20.27 7.12
C PRO C 235 9.41 18.86 7.20
N ILE C 236 9.49 18.19 6.05
CA ILE C 236 10.02 16.84 5.99
C ILE C 236 11.41 17.11 5.42
N THR C 237 12.44 16.87 6.23
CA THR C 237 13.82 17.14 5.82
C THR C 237 14.64 15.91 5.45
N GLN C 238 15.83 16.18 4.93
CA GLN C 238 16.77 15.15 4.57
C GLN C 238 17.50 14.67 5.84
N GLY D 1 -0.71 15.63 -35.01
CA GLY D 1 -0.83 14.31 -34.44
C GLY D 1 -2.29 14.23 -34.39
N ALA D 2 -2.96 13.66 -35.40
CA ALA D 2 -4.41 13.65 -35.32
C ALA D 2 -5.13 12.33 -35.61
N GLN D 3 -5.78 11.79 -34.58
CA GLN D 3 -6.54 10.56 -34.70
C GLN D 3 -7.98 10.97 -35.00
N VAL D 4 -8.29 10.96 -36.31
CA VAL D 4 -9.60 11.34 -36.83
C VAL D 4 -10.54 10.16 -36.97
N SER D 5 -11.62 10.20 -36.19
CA SER D 5 -12.64 9.15 -36.22
C SER D 5 -13.87 9.77 -36.84
N ARG D 6 -14.76 8.88 -37.27
CA ARG D 6 -15.98 9.36 -37.87
C ARG D 6 -17.13 8.45 -37.44
N GLN D 7 -18.28 9.09 -37.23
CA GLN D 7 -19.50 8.42 -36.84
C GLN D 7 -20.67 9.35 -37.20
N SER D 23 -22.54 13.55 -38.77
CA SER D 23 -21.43 12.64 -38.34
C SER D 23 -20.71 13.21 -37.11
N LEU D 24 -20.29 12.33 -36.21
CA LEU D 24 -19.57 12.77 -35.02
C LEU D 24 -18.09 12.38 -35.20
N ASN D 25 -17.31 13.35 -35.64
CA ASN D 25 -15.88 13.16 -35.87
C ASN D 25 -15.07 13.51 -34.64
N TYR D 26 -14.11 12.65 -34.32
CA TYR D 26 -13.24 12.85 -33.16
C TYR D 26 -11.84 13.25 -33.64
N PHE D 27 -11.26 14.24 -32.98
CA PHE D 27 -9.91 14.70 -33.32
C PHE D 27 -9.03 14.66 -32.08
N ASN D 28 -8.30 13.55 -31.94
CA ASN D 28 -7.41 13.37 -30.81
C ASN D 28 -6.04 13.89 -31.24
N ILE D 29 -5.87 15.20 -31.16
CA ILE D 29 -4.62 15.83 -31.58
C ILE D 29 -3.51 15.83 -30.55
N ASN D 30 -2.30 15.54 -31.03
CA ASN D 30 -1.11 15.53 -30.20
C ASN D 30 -0.28 16.68 -30.77
N TYR D 31 -0.21 17.79 -30.04
CA TYR D 31 0.50 18.97 -30.50
C TYR D 31 2.02 18.96 -30.47
N PHE D 32 2.62 18.07 -29.68
CA PHE D 32 4.07 18.03 -29.59
C PHE D 32 4.58 16.66 -30.05
N LYS D 33 5.88 16.57 -30.29
CA LYS D 33 6.46 15.32 -30.78
C LYS D 33 7.00 14.30 -29.78
N ASP D 34 6.72 14.50 -28.48
CA ASP D 34 7.18 13.54 -27.49
C ASP D 34 5.95 13.00 -26.76
N ALA D 35 5.90 11.69 -26.59
CA ALA D 35 4.77 11.06 -25.92
C ALA D 35 4.49 11.62 -24.52
N ALA D 36 5.54 12.02 -23.81
CA ALA D 36 5.35 12.55 -22.46
C ALA D 36 4.45 13.79 -22.48
N SER D 37 4.51 14.53 -23.59
CA SER D 37 3.74 15.77 -23.75
C SER D 37 2.23 15.63 -23.77
N SER D 38 1.71 14.47 -24.14
CA SER D 38 0.26 14.31 -24.20
C SER D 38 -0.40 14.33 -22.83
N GLY D 39 -1.71 14.56 -22.84
CA GLY D 39 -2.48 14.64 -21.61
C GLY D 39 -2.75 13.31 -20.97
N ALA D 40 -3.68 13.29 -20.02
CA ALA D 40 -4.04 12.08 -19.29
C ALA D 40 -4.37 10.93 -20.23
N SER D 41 -4.04 9.73 -19.79
CA SER D 41 -4.27 8.51 -20.56
C SER D 41 -5.71 8.04 -20.50
N ARG D 42 -6.07 7.27 -21.52
CA ARG D 42 -7.41 6.69 -21.63
C ARG D 42 -7.45 5.53 -20.63
N LEU D 43 -8.64 4.96 -20.42
CA LEU D 43 -8.75 3.91 -19.42
C LEU D 43 -9.05 2.47 -19.79
N ASP D 44 -8.19 1.60 -19.26
CA ASP D 44 -8.30 0.12 -19.33
C ASP D 44 -7.21 -0.77 -19.98
#